data_7DAB
#
_entry.id   7DAB
#
_entity_poly.entity_id   1
_entity_poly.type   'polypeptide(L)'
_entity_poly.pdbx_seq_one_letter_code
;LQDEVGAPPALSAEEGVMETRAECRQGLLPCKDNKCYCCIGGGTRQCYATLAECRHACLPLNTN
;
_entity_poly.pdbx_strand_id   A
#
# COMPACT_ATOMS: atom_id res chain seq x y z
N LEU A 1 -17.70 0.82 19.78
CA LEU A 1 -16.33 0.33 19.84
C LEU A 1 -15.88 -0.17 18.48
N GLN A 2 -14.58 -0.05 18.22
CA GLN A 2 -14.01 -0.49 16.94
C GLN A 2 -12.50 -0.29 16.91
N ASP A 3 -11.76 -1.38 16.82
CA ASP A 3 -10.31 -1.33 16.79
C ASP A 3 -9.73 -2.55 16.08
N GLU A 4 -10.36 -2.94 14.97
CA GLU A 4 -9.91 -4.09 14.21
C GLU A 4 -10.39 -4.02 12.77
N VAL A 5 -9.73 -4.76 11.88
CA VAL A 5 -10.11 -4.78 10.47
C VAL A 5 -9.83 -6.13 9.84
N GLY A 6 -10.43 -6.39 8.70
CA GLY A 6 -10.23 -7.66 8.01
C GLY A 6 -9.86 -7.48 6.56
N ALA A 7 -8.58 -7.22 6.30
CA ALA A 7 -8.10 -7.02 4.93
C ALA A 7 -8.02 -8.35 4.19
N PRO A 8 -7.98 -8.28 2.85
CA PRO A 8 -7.90 -9.47 2.00
C PRO A 8 -6.54 -10.15 2.09
N PRO A 9 -6.45 -11.37 1.54
CA PRO A 9 -5.21 -12.16 1.55
C PRO A 9 -4.15 -11.56 0.63
N ALA A 10 -4.58 -10.71 -0.29
CA ALA A 10 -3.66 -10.08 -1.23
C ALA A 10 -2.89 -8.94 -0.56
N LEU A 11 -3.62 -8.06 0.12
CA LEU A 11 -3.00 -6.93 0.80
C LEU A 11 -2.29 -7.38 2.07
N SER A 12 -2.54 -8.62 2.48
CA SER A 12 -1.92 -9.17 3.67
C SER A 12 -2.08 -10.69 3.71
N ALA A 13 -1.13 -11.40 3.13
CA ALA A 13 -1.16 -12.86 3.10
C ALA A 13 -0.50 -13.45 4.34
N GLU A 14 0.83 -13.36 4.41
CA GLU A 14 1.56 -13.88 5.55
C GLU A 14 3.06 -13.64 5.38
N GLU A 15 3.40 -12.50 4.79
CA GLU A 15 4.81 -12.16 4.56
C GLU A 15 5.22 -10.99 5.46
N GLY A 16 4.58 -10.88 6.63
CA GLY A 16 4.90 -9.80 7.54
C GLY A 16 3.97 -8.62 7.41
N VAL A 17 3.44 -8.16 8.52
CA VAL A 17 2.51 -7.01 8.51
C VAL A 17 3.26 -5.72 8.19
N MET A 18 2.54 -4.61 8.23
CA MET A 18 3.12 -3.30 7.94
C MET A 18 2.18 -2.18 8.36
N GLU A 19 2.74 -1.14 8.96
CA GLU A 19 1.94 0.01 9.41
C GLU A 19 2.78 1.28 9.41
N THR A 20 2.58 2.10 8.37
CA THR A 20 3.32 3.36 8.25
C THR A 20 2.44 4.55 8.63
N ARG A 21 1.14 4.42 8.38
CA ARG A 21 0.20 5.48 8.69
C ARG A 21 -1.14 4.91 9.17
N ALA A 22 -1.91 4.38 8.23
CA ALA A 22 -3.21 3.80 8.55
C ALA A 22 -3.58 2.69 7.57
N GLU A 23 -3.86 3.08 6.32
CA GLU A 23 -4.23 2.12 5.29
C GLU A 23 -3.54 2.46 3.96
N CYS A 24 -3.14 1.43 3.23
CA CYS A 24 -2.48 1.61 1.95
C CYS A 24 -3.18 0.83 0.85
N ARG A 25 -3.26 1.42 -0.34
CA ARG A 25 -3.91 0.78 -1.48
C ARG A 25 -2.92 0.57 -2.63
N GLN A 26 -3.09 -0.52 -3.36
CA GLN A 26 -2.22 -0.83 -4.48
C GLN A 26 -0.75 -0.83 -4.05
N GLY A 27 0.14 -0.99 -5.02
CA GLY A 27 1.57 -1.01 -4.72
C GLY A 27 2.10 -2.41 -4.57
N LEU A 28 1.43 -3.37 -5.19
CA LEU A 28 1.84 -4.77 -5.13
C LEU A 28 1.44 -5.52 -6.38
N LEU A 29 0.14 -5.77 -6.54
CA LEU A 29 -0.38 -6.48 -7.70
C LEU A 29 -0.29 -5.60 -8.95
N PRO A 30 -0.95 -4.43 -8.90
CA PRO A 30 -0.97 -3.49 -10.02
C PRO A 30 0.39 -2.82 -10.23
N CYS A 31 0.61 -1.71 -9.53
CA CYS A 31 1.86 -0.98 -9.65
C CYS A 31 2.25 -0.79 -11.11
N LYS A 32 1.32 -0.28 -11.90
CA LYS A 32 1.55 -0.04 -13.32
C LYS A 32 0.55 0.98 -13.87
N ASP A 33 -0.72 0.59 -13.91
CA ASP A 33 -1.77 1.47 -14.42
C ASP A 33 -1.84 2.76 -13.60
N ASN A 34 -2.86 3.57 -13.86
CA ASN A 34 -3.04 4.83 -13.15
C ASN A 34 -2.95 4.63 -11.65
N LYS A 35 -2.39 5.61 -10.96
CA LYS A 35 -2.24 5.55 -9.51
C LYS A 35 -1.57 4.24 -9.09
N CYS A 36 -0.28 4.12 -9.38
CA CYS A 36 0.47 2.92 -9.03
C CYS A 36 0.21 2.52 -7.58
N TYR A 37 0.90 3.18 -6.65
CA TYR A 37 0.74 2.88 -5.24
C TYR A 37 0.30 4.13 -4.47
N CYS A 38 -0.67 3.96 -3.58
CA CYS A 38 -1.18 5.06 -2.77
C CYS A 38 -1.33 4.65 -1.31
N CYS A 39 -1.20 5.62 -0.41
CA CYS A 39 -1.32 5.37 1.02
C CYS A 39 -2.10 6.48 1.71
N ILE A 40 -3.20 6.11 2.36
CA ILE A 40 -4.03 7.08 3.06
C ILE A 40 -4.14 6.74 4.54
N GLY A 41 -3.90 7.74 5.38
CA GLY A 41 -3.97 7.53 6.82
C GLY A 41 -3.94 8.83 7.60
N GLY A 42 -2.78 9.16 8.15
CA GLY A 42 -2.65 10.38 8.92
C GLY A 42 -1.34 11.10 8.62
N GLY A 43 -1.43 12.42 8.43
CA GLY A 43 -0.24 13.20 8.13
C GLY A 43 0.44 12.77 6.85
N THR A 44 -0.27 12.00 6.04
CA THR A 44 0.27 11.54 4.77
C THR A 44 -0.74 11.70 3.64
N ARG A 45 -1.72 10.82 3.58
CA ARG A 45 -2.75 10.87 2.55
C ARG A 45 -2.16 11.33 1.22
N GLN A 46 -1.33 10.48 0.63
CA GLN A 46 -0.70 10.79 -0.66
C GLN A 46 -0.62 9.56 -1.55
N CYS A 47 -0.48 9.79 -2.85
CA CYS A 47 -0.40 8.69 -3.81
C CYS A 47 0.61 9.01 -4.91
N TYR A 48 1.38 8.00 -5.32
CA TYR A 48 2.39 8.18 -6.36
C TYR A 48 2.10 7.25 -7.54
N ALA A 49 2.07 7.83 -8.73
CA ALA A 49 1.81 7.06 -9.95
C ALA A 49 3.01 7.09 -10.88
N THR A 50 4.06 7.80 -10.47
CA THR A 50 5.28 7.91 -11.27
C THR A 50 6.15 6.67 -11.12
N LEU A 51 6.81 6.27 -12.21
CA LEU A 51 7.68 5.10 -12.19
C LEU A 51 8.70 5.20 -11.07
N ALA A 52 9.17 6.40 -10.80
CA ALA A 52 10.14 6.63 -9.74
C ALA A 52 9.65 6.06 -8.40
N GLU A 53 8.41 6.36 -8.07
CA GLU A 53 7.82 5.88 -6.82
C GLU A 53 7.22 4.49 -7.01
N CYS A 54 6.90 4.15 -8.25
CA CYS A 54 6.31 2.84 -8.56
C CYS A 54 7.40 1.78 -8.63
N ARG A 55 8.65 2.21 -8.64
CA ARG A 55 9.77 1.28 -8.72
C ARG A 55 10.66 1.40 -7.47
N HIS A 56 10.68 2.59 -6.88
CA HIS A 56 11.48 2.83 -5.69
C HIS A 56 10.62 2.77 -4.44
N ALA A 57 9.35 3.15 -4.56
CA ALA A 57 8.42 3.12 -3.44
C ALA A 57 7.23 2.22 -3.74
N CYS A 58 7.51 0.98 -4.11
CA CYS A 58 6.46 0.02 -4.42
C CYS A 58 6.92 -1.41 -4.13
N LEU A 59 8.17 -1.70 -4.46
CA LEU A 59 8.73 -3.03 -4.23
C LEU A 59 8.98 -3.26 -2.75
N PRO A 60 9.73 -2.34 -2.12
CA PRO A 60 10.06 -2.43 -0.69
C PRO A 60 8.84 -2.18 0.20
N LEU A 61 7.76 -1.68 -0.41
CA LEU A 61 6.54 -1.41 0.33
C LEU A 61 6.04 -2.66 1.05
N ASN A 62 5.95 -3.76 0.31
CA ASN A 62 5.48 -5.02 0.87
C ASN A 62 5.60 -6.15 -0.15
N THR A 63 5.36 -5.82 -1.41
CA THR A 63 5.44 -6.80 -2.48
C THR A 63 6.87 -7.28 -2.69
N ASN A 64 7.03 -8.31 -3.53
CA ASN A 64 8.35 -8.85 -3.81
C ASN A 64 8.59 -8.95 -5.31
N LEU A 1 -25.62 -5.62 -1.08
CA LEU A 1 -24.93 -6.08 -2.27
C LEU A 1 -23.43 -5.89 -2.14
N GLN A 2 -22.66 -6.81 -2.73
CA GLN A 2 -21.20 -6.73 -2.69
C GLN A 2 -20.58 -7.89 -3.45
N ASP A 3 -19.97 -7.58 -4.59
CA ASP A 3 -19.33 -8.60 -5.42
C ASP A 3 -17.91 -8.18 -5.79
N GLU A 4 -16.95 -8.54 -4.94
CA GLU A 4 -15.55 -8.19 -5.18
C GLU A 4 -14.65 -8.82 -4.12
N VAL A 5 -13.98 -9.91 -4.51
CA VAL A 5 -13.08 -10.61 -3.60
C VAL A 5 -11.71 -9.95 -3.56
N GLY A 6 -10.83 -10.47 -2.71
CA GLY A 6 -9.49 -9.92 -2.60
C GLY A 6 -8.59 -10.76 -1.70
N ALA A 7 -8.14 -10.16 -0.61
CA ALA A 7 -7.27 -10.85 0.33
C ALA A 7 -7.63 -10.51 1.77
N PRO A 8 -7.20 -11.36 2.71
CA PRO A 8 -7.47 -11.18 4.14
C PRO A 8 -6.71 -9.99 4.72
N PRO A 9 -7.08 -9.59 5.95
CA PRO A 9 -6.44 -8.47 6.64
C PRO A 9 -5.01 -8.80 7.08
N ALA A 10 -4.11 -7.83 6.93
CA ALA A 10 -2.72 -8.02 7.31
C ALA A 10 -1.92 -6.73 7.12
N LEU A 11 -2.55 -5.60 7.39
CA LEU A 11 -1.90 -4.31 7.24
C LEU A 11 -0.89 -4.07 8.35
N SER A 12 -0.93 -4.93 9.37
CA SER A 12 -0.02 -4.82 10.50
C SER A 12 -0.03 -6.10 11.34
N ALA A 13 0.29 -7.21 10.71
CA ALA A 13 0.31 -8.49 11.40
C ALA A 13 1.72 -8.87 11.81
N GLU A 14 2.55 -9.25 10.83
CA GLU A 14 3.92 -9.64 11.10
C GLU A 14 4.81 -9.35 9.89
N GLU A 15 4.56 -8.21 9.25
CA GLU A 15 5.33 -7.82 8.07
C GLU A 15 6.75 -7.40 8.47
N GLY A 16 6.91 -7.03 9.74
CA GLY A 16 8.22 -6.62 10.22
C GLY A 16 8.54 -5.18 9.85
N VAL A 17 7.86 -4.24 10.50
CA VAL A 17 8.09 -2.82 10.24
C VAL A 17 8.93 -2.18 11.34
N MET A 18 9.11 -0.87 11.25
CA MET A 18 9.90 -0.13 12.23
C MET A 18 9.36 1.28 12.40
N GLU A 19 8.04 1.44 12.25
CA GLU A 19 7.41 2.75 12.39
C GLU A 19 7.93 3.71 11.32
N THR A 20 7.21 3.78 10.20
CA THR A 20 7.58 4.67 9.11
C THR A 20 6.57 5.80 8.95
N ARG A 21 5.29 5.46 9.01
CA ARG A 21 4.23 6.45 8.86
C ARG A 21 3.03 6.08 9.72
N ALA A 22 2.27 5.08 9.27
CA ALA A 22 1.09 4.63 9.99
C ALA A 22 0.41 3.47 9.27
N GLU A 23 -0.16 3.76 8.10
CA GLU A 23 -0.84 2.75 7.30
C GLU A 23 -0.58 2.95 5.81
N CYS A 24 -0.27 1.87 5.11
CA CYS A 24 -0.01 1.93 3.68
C CYS A 24 -0.87 0.93 2.93
N ARG A 25 -1.34 1.33 1.75
CA ARG A 25 -2.17 0.47 0.92
C ARG A 25 -1.48 0.13 -0.39
N GLN A 26 -1.13 -1.15 -0.54
CA GLN A 26 -0.46 -1.60 -1.75
C GLN A 26 -0.44 -3.13 -1.83
N GLY A 27 -0.23 -3.77 -0.68
CA GLY A 27 -0.21 -5.22 -0.63
C GLY A 27 -1.59 -5.82 -0.55
N LEU A 28 -2.46 -5.46 -1.48
CA LEU A 28 -3.82 -5.97 -1.50
C LEU A 28 -4.52 -5.58 -2.80
N LEU A 29 -4.27 -4.37 -3.26
CA LEU A 29 -4.87 -3.87 -4.49
C LEU A 29 -3.94 -4.07 -5.68
N PRO A 30 -4.53 -4.15 -6.88
CA PRO A 30 -3.77 -4.34 -8.13
C PRO A 30 -2.95 -3.11 -8.50
N CYS A 31 -1.63 -3.24 -8.45
CA CYS A 31 -0.74 -2.13 -8.79
C CYS A 31 -0.69 -1.91 -10.30
N LYS A 32 -1.77 -1.37 -10.84
CA LYS A 32 -1.85 -1.09 -12.27
C LYS A 32 -2.95 -0.08 -12.57
N ASP A 33 -4.10 -0.26 -11.92
CA ASP A 33 -5.23 0.65 -12.12
C ASP A 33 -5.01 1.96 -11.38
N ASN A 34 -6.03 2.81 -11.38
CA ASN A 34 -5.96 4.10 -10.71
C ASN A 34 -5.51 3.94 -9.26
N LYS A 35 -4.77 4.92 -8.76
CA LYS A 35 -4.28 4.89 -7.39
C LYS A 35 -3.55 3.57 -7.10
N CYS A 36 -2.46 3.34 -7.82
CA CYS A 36 -1.67 2.12 -7.64
C CYS A 36 -1.38 1.87 -6.16
N TYR A 37 -0.38 2.56 -5.64
CA TYR A 37 0.00 2.42 -4.23
C TYR A 37 -0.08 3.75 -3.50
N CYS A 38 -0.65 3.72 -2.30
CA CYS A 38 -0.79 4.93 -1.50
C CYS A 38 -0.38 4.66 -0.05
N CYS A 39 -0.01 5.73 0.65
CA CYS A 39 0.42 5.62 2.04
C CYS A 39 -0.17 6.76 2.88
N ILE A 40 -0.97 6.40 3.87
CA ILE A 40 -1.59 7.38 4.75
C ILE A 40 -1.03 7.30 6.16
N GLY A 41 -0.64 8.44 6.71
CA GLY A 41 -0.09 8.47 8.05
C GLY A 41 -0.18 9.85 8.69
N GLY A 42 0.83 10.68 8.47
CA GLY A 42 0.82 12.01 9.03
C GLY A 42 1.65 12.99 8.21
N GLY A 43 2.96 13.01 8.44
CA GLY A 43 3.82 13.91 7.71
C GLY A 43 3.94 13.55 6.25
N THR A 44 3.48 12.34 5.90
CA THR A 44 3.54 11.87 4.53
C THR A 44 2.17 11.96 3.86
N ARG A 45 1.27 11.06 4.23
CA ARG A 45 -0.07 11.03 3.67
C ARG A 45 -0.04 11.39 2.18
N GLN A 46 0.46 10.48 1.37
CA GLN A 46 0.54 10.70 -0.07
C GLN A 46 0.22 9.42 -0.84
N CYS A 47 -0.01 9.57 -2.14
CA CYS A 47 -0.34 8.42 -2.99
C CYS A 47 0.22 8.62 -4.40
N TYR A 48 0.58 7.52 -5.04
CA TYR A 48 1.12 7.56 -6.39
C TYR A 48 0.46 6.52 -7.29
N ALA A 49 0.02 6.94 -8.47
CA ALA A 49 -0.62 6.03 -9.41
C ALA A 49 0.22 5.88 -10.68
N THR A 50 1.24 6.71 -10.81
CA THR A 50 2.11 6.68 -11.98
C THR A 50 2.90 5.37 -12.04
N LEU A 51 3.27 4.97 -13.24
CA LEU A 51 4.03 3.73 -13.44
C LEU A 51 5.37 3.79 -12.71
N ALA A 52 6.00 4.97 -12.74
CA ALA A 52 7.29 5.15 -12.07
C ALA A 52 7.21 4.75 -10.60
N GLU A 53 6.17 5.23 -9.92
CA GLU A 53 5.98 4.92 -8.50
C GLU A 53 5.26 3.59 -8.33
N CYS A 54 4.53 3.18 -9.36
CA CYS A 54 3.78 1.93 -9.33
C CYS A 54 4.70 0.74 -9.62
N ARG A 55 5.92 1.04 -10.06
CA ARG A 55 6.89 -0.01 -10.37
C ARG A 55 8.16 0.16 -9.53
N HIS A 56 8.38 1.36 -9.02
CA HIS A 56 9.54 1.65 -8.20
C HIS A 56 9.13 1.97 -6.77
N ALA A 57 7.99 2.63 -6.60
CA ALA A 57 7.49 2.98 -5.28
C ALA A 57 6.35 2.07 -4.87
N CYS A 58 6.17 0.98 -5.60
CA CYS A 58 5.11 0.02 -5.30
C CYS A 58 5.66 -1.20 -4.58
N LEU A 59 6.99 -1.26 -4.44
CA LEU A 59 7.64 -2.37 -3.75
C LEU A 59 6.96 -2.67 -2.42
N PRO A 60 7.13 -3.91 -1.95
CA PRO A 60 6.54 -4.36 -0.67
C PRO A 60 7.20 -3.70 0.52
N LEU A 61 6.66 -2.55 0.92
CA LEU A 61 7.20 -1.82 2.07
C LEU A 61 7.36 -2.73 3.28
N ASN A 62 8.57 -2.83 3.79
CA ASN A 62 8.85 -3.67 4.95
C ASN A 62 9.73 -2.93 5.96
N THR A 63 10.84 -2.37 5.47
CA THR A 63 11.76 -1.64 6.34
C THR A 63 12.12 -2.46 7.57
N ASN A 64 13.17 -3.28 7.44
CA ASN A 64 13.62 -4.11 8.55
C ASN A 64 12.46 -4.92 9.13
N LEU A 1 -16.70 -18.87 4.46
CA LEU A 1 -16.78 -18.38 3.08
C LEU A 1 -16.29 -16.94 2.99
N GLN A 2 -16.40 -16.36 1.81
CA GLN A 2 -15.96 -14.99 1.58
C GLN A 2 -16.71 -14.02 2.49
N ASP A 3 -16.46 -12.73 2.32
CA ASP A 3 -17.11 -11.71 3.13
C ASP A 3 -17.54 -10.52 2.26
N GLU A 4 -18.52 -9.78 2.74
CA GLU A 4 -19.02 -8.61 2.01
C GLU A 4 -18.14 -7.40 2.25
N VAL A 5 -17.16 -7.19 1.37
CA VAL A 5 -16.24 -6.06 1.49
C VAL A 5 -15.80 -5.56 0.12
N GLY A 6 -15.06 -4.47 0.11
CA GLY A 6 -14.58 -3.90 -1.14
C GLY A 6 -13.22 -3.27 -1.02
N ALA A 7 -12.50 -3.63 0.04
CA ALA A 7 -11.16 -3.10 0.28
C ALA A 7 -10.53 -3.70 1.54
N PRO A 8 -10.23 -5.00 1.47
CA PRO A 8 -9.62 -5.73 2.59
C PRO A 8 -8.18 -5.30 2.85
N PRO A 9 -7.64 -5.72 4.01
CA PRO A 9 -6.27 -5.38 4.40
C PRO A 9 -5.23 -6.09 3.54
N ALA A 10 -4.00 -5.57 3.56
CA ALA A 10 -2.92 -6.16 2.77
C ALA A 10 -1.56 -5.76 3.36
N LEU A 11 -1.54 -5.43 4.64
CA LEU A 11 -0.30 -5.05 5.31
C LEU A 11 -0.26 -5.62 6.73
N SER A 12 -1.14 -6.58 7.01
CA SER A 12 -1.18 -7.20 8.33
C SER A 12 -0.85 -8.69 8.23
N ALA A 13 0.03 -9.04 7.29
CA ALA A 13 0.44 -10.43 7.10
C ALA A 13 1.59 -10.80 8.03
N GLU A 14 2.80 -10.35 7.68
CA GLU A 14 3.98 -10.64 8.47
C GLU A 14 5.22 -10.00 7.85
N GLU A 15 5.04 -8.83 7.24
CA GLU A 15 6.14 -8.13 6.61
C GLU A 15 6.28 -6.71 7.16
N GLY A 16 6.09 -6.57 8.47
CA GLY A 16 6.19 -5.28 9.11
C GLY A 16 7.62 -4.78 9.18
N VAL A 17 8.12 -4.24 8.08
CA VAL A 17 9.48 -3.73 8.02
C VAL A 17 9.55 -2.30 8.55
N MET A 18 10.70 -1.66 8.37
CA MET A 18 10.90 -0.29 8.82
C MET A 18 9.77 0.61 8.32
N GLU A 19 9.74 1.84 8.83
CA GLU A 19 8.72 2.81 8.43
C GLU A 19 7.33 2.32 8.82
N THR A 20 6.76 2.94 9.85
CA THR A 20 5.44 2.57 10.33
C THR A 20 4.62 3.81 10.69
N ARG A 21 4.36 4.65 9.70
CA ARG A 21 3.58 5.87 9.91
C ARG A 21 2.28 5.56 10.63
N ALA A 22 1.43 4.76 9.99
CA ALA A 22 0.15 4.38 10.58
C ALA A 22 -0.57 3.34 9.72
N GLU A 23 -1.03 3.76 8.54
CA GLU A 23 -1.72 2.87 7.64
C GLU A 23 -1.41 3.21 6.18
N CYS A 24 -1.12 2.18 5.39
CA CYS A 24 -0.80 2.38 3.97
C CYS A 24 -1.69 1.51 3.10
N ARG A 25 -2.10 2.05 1.95
CA ARG A 25 -2.95 1.33 1.01
C ARG A 25 -2.24 1.12 -0.31
N GLN A 26 -2.49 -0.04 -0.93
CA GLN A 26 -1.87 -0.36 -2.21
C GLN A 26 -2.41 -1.68 -2.76
N GLY A 27 -2.67 -2.62 -1.86
CA GLY A 27 -3.19 -3.92 -2.27
C GLY A 27 -4.61 -3.83 -2.77
N LEU A 28 -5.25 -2.70 -2.54
CA LEU A 28 -6.63 -2.49 -2.97
C LEU A 28 -6.72 -2.36 -4.49
N LEU A 29 -5.56 -2.22 -5.13
CA LEU A 29 -5.50 -2.09 -6.58
C LEU A 29 -4.14 -2.51 -7.11
N PRO A 30 -4.10 -2.90 -8.39
CA PRO A 30 -2.86 -3.33 -9.05
C PRO A 30 -1.88 -2.18 -9.26
N CYS A 31 -0.75 -2.25 -8.55
CA CYS A 31 0.27 -1.22 -8.65
C CYS A 31 0.64 -0.96 -10.11
N LYS A 32 0.14 0.15 -10.65
CA LYS A 32 0.42 0.51 -12.04
C LYS A 32 0.29 2.02 -12.24
N ASP A 33 -0.94 2.51 -12.27
CA ASP A 33 -1.20 3.94 -12.44
C ASP A 33 -2.43 4.37 -11.66
N ASN A 34 -2.72 5.67 -11.68
CA ASN A 34 -3.87 6.21 -10.99
C ASN A 34 -3.85 5.81 -9.51
N LYS A 35 -3.24 6.65 -8.69
CA LYS A 35 -3.15 6.38 -7.25
C LYS A 35 -2.60 4.98 -6.99
N CYS A 36 -1.43 4.69 -7.57
CA CYS A 36 -0.80 3.38 -7.39
C CYS A 36 -0.73 3.01 -5.92
N TYR A 37 0.27 3.54 -5.23
CA TYR A 37 0.47 3.25 -3.81
C TYR A 37 0.43 4.54 -2.99
N CYS A 38 -0.28 4.50 -1.88
CA CYS A 38 -0.41 5.66 -0.99
C CYS A 38 -0.30 5.24 0.47
N CYS A 39 0.30 6.11 1.28
CA CYS A 39 0.47 5.85 2.70
C CYS A 39 0.03 7.05 3.54
N ILE A 40 -0.88 6.80 4.47
CA ILE A 40 -1.38 7.87 5.34
C ILE A 40 -1.09 7.57 6.80
N GLY A 41 -0.53 8.54 7.52
CA GLY A 41 -0.23 8.34 8.92
C GLY A 41 -0.04 9.65 9.66
N GLY A 42 1.01 10.39 9.30
CA GLY A 42 1.27 11.67 9.95
C GLY A 42 2.54 12.32 9.43
N GLY A 43 3.69 11.81 9.86
CA GLY A 43 4.95 12.37 9.43
C GLY A 43 5.16 12.25 7.93
N THR A 44 4.36 11.41 7.29
CA THR A 44 4.46 11.20 5.85
C THR A 44 3.19 11.68 5.14
N ARG A 45 2.14 10.87 5.22
CA ARG A 45 0.87 11.22 4.59
C ARG A 45 1.10 11.68 3.15
N GLN A 46 1.47 10.74 2.28
CA GLN A 46 1.71 11.05 0.88
C GLN A 46 1.23 9.91 -0.02
N CYS A 47 1.14 10.18 -1.31
CA CYS A 47 0.69 9.19 -2.29
C CYS A 47 1.43 9.34 -3.60
N TYR A 48 1.78 8.20 -4.21
CA TYR A 48 2.49 8.21 -5.48
C TYR A 48 1.83 7.27 -6.48
N ALA A 49 1.64 7.75 -7.70
CA ALA A 49 1.01 6.96 -8.76
C ALA A 49 1.95 6.81 -9.96
N THR A 50 3.18 7.32 -9.81
CA THR A 50 4.16 7.24 -10.89
C THR A 50 4.87 5.89 -10.89
N LEU A 51 5.23 5.42 -12.07
CA LEU A 51 5.91 4.14 -12.21
C LEU A 51 7.15 4.09 -11.32
N ALA A 52 7.84 5.22 -11.21
CA ALA A 52 9.04 5.31 -10.38
C ALA A 52 8.75 4.87 -8.95
N GLU A 53 7.66 5.36 -8.39
CA GLU A 53 7.27 5.02 -7.03
C GLU A 53 6.52 3.69 -6.99
N CYS A 54 5.93 3.32 -8.13
CA CYS A 54 5.19 2.07 -8.22
C CYS A 54 6.13 0.88 -8.43
N ARG A 55 7.38 1.19 -8.78
CA ARG A 55 8.37 0.14 -9.01
C ARG A 55 9.45 0.19 -7.94
N HIS A 56 9.72 1.38 -7.41
CA HIS A 56 10.73 1.56 -6.39
C HIS A 56 10.10 1.56 -4.99
N ALA A 57 8.87 2.04 -4.91
CA ALA A 57 8.15 2.09 -3.64
C ALA A 57 6.81 1.37 -3.73
N CYS A 58 6.87 0.05 -3.85
CA CYS A 58 5.65 -0.76 -3.95
C CYS A 58 5.99 -2.24 -3.93
N LEU A 59 7.01 -2.62 -4.69
CA LEU A 59 7.43 -4.02 -4.76
C LEU A 59 8.22 -4.41 -3.53
N PRO A 60 9.30 -3.66 -3.24
CA PRO A 60 10.15 -3.92 -2.08
C PRO A 60 9.45 -3.58 -0.76
N LEU A 61 8.28 -2.98 -0.86
CA LEU A 61 7.51 -2.60 0.33
C LEU A 61 6.76 -3.81 0.89
N ASN A 62 5.83 -3.56 1.80
CA ASN A 62 5.04 -4.62 2.42
C ASN A 62 3.57 -4.24 2.47
N THR A 63 3.16 -3.31 1.60
CA THR A 63 1.78 -2.85 1.55
C THR A 63 0.91 -3.84 0.77
N ASN A 64 1.55 -4.67 -0.05
CA ASN A 64 0.82 -5.65 -0.85
C ASN A 64 -0.31 -5.00 -1.64
N LEU A 1 -6.82 -7.78 12.03
CA LEU A 1 -6.48 -8.95 12.82
C LEU A 1 -7.38 -10.13 12.47
N GLN A 2 -7.46 -10.44 11.18
CA GLN A 2 -8.28 -11.56 10.70
C GLN A 2 -8.16 -11.71 9.19
N ASP A 3 -7.94 -12.94 8.75
CA ASP A 3 -7.81 -13.23 7.33
C ASP A 3 -9.19 -13.34 6.66
N GLU A 4 -9.85 -12.21 6.48
CA GLU A 4 -11.17 -12.18 5.87
C GLU A 4 -11.15 -12.89 4.51
N VAL A 5 -12.34 -13.13 3.96
CA VAL A 5 -12.46 -13.79 2.67
C VAL A 5 -12.38 -12.79 1.52
N GLY A 6 -11.50 -13.06 0.56
CA GLY A 6 -11.35 -12.18 -0.58
C GLY A 6 -10.10 -11.31 -0.47
N ALA A 7 -10.08 -10.45 0.55
CA ALA A 7 -8.95 -9.56 0.77
C ALA A 7 -8.99 -8.94 2.16
N PRO A 8 -7.83 -8.44 2.62
CA PRO A 8 -7.72 -7.82 3.95
C PRO A 8 -8.43 -6.48 4.01
N PRO A 9 -8.60 -5.96 5.24
CA PRO A 9 -9.28 -4.67 5.47
C PRO A 9 -8.45 -3.49 4.97
N ALA A 10 -7.16 -3.72 4.75
CA ALA A 10 -6.27 -2.67 4.28
C ALA A 10 -5.07 -3.27 3.55
N LEU A 11 -4.20 -3.94 4.31
CA LEU A 11 -3.00 -4.56 3.73
C LEU A 11 -2.23 -5.33 4.79
N SER A 12 -2.40 -6.65 4.79
CA SER A 12 -1.72 -7.51 5.75
C SER A 12 -2.07 -8.97 5.52
N ALA A 13 -1.46 -9.57 4.49
CA ALA A 13 -1.71 -10.97 4.17
C ALA A 13 -0.78 -11.89 4.95
N GLU A 14 0.49 -11.91 4.55
CA GLU A 14 1.48 -12.75 5.22
C GLU A 14 2.86 -12.58 4.57
N GLU A 15 3.18 -11.35 4.20
CA GLU A 15 4.46 -11.04 3.57
C GLU A 15 5.47 -10.53 4.60
N GLY A 16 4.95 -10.02 5.72
CA GLY A 16 5.80 -9.50 6.76
C GLY A 16 5.60 -8.01 6.99
N VAL A 17 4.35 -7.61 7.17
CA VAL A 17 4.02 -6.21 7.40
C VAL A 17 3.46 -6.00 8.80
N MET A 18 3.47 -4.76 9.26
CA MET A 18 2.97 -4.42 10.59
C MET A 18 2.45 -2.98 10.63
N GLU A 19 1.95 -2.50 9.49
CA GLU A 19 1.42 -1.14 9.40
C GLU A 19 2.45 -0.14 9.91
N THR A 20 3.31 0.33 9.01
CA THR A 20 4.34 1.29 9.37
C THR A 20 3.73 2.64 9.72
N ARG A 21 3.28 3.37 8.70
CA ARG A 21 2.68 4.68 8.91
C ARG A 21 1.30 4.55 9.54
N ALA A 22 0.36 3.94 8.82
CA ALA A 22 -0.99 3.75 9.30
C ALA A 22 -1.84 3.01 8.28
N GLU A 23 -2.13 3.66 7.16
CA GLU A 23 -2.93 3.07 6.10
C GLU A 23 -2.43 3.51 4.72
N CYS A 24 -2.08 2.53 3.89
CA CYS A 24 -1.59 2.81 2.55
C CYS A 24 -2.39 2.04 1.51
N ARG A 25 -2.40 2.55 0.28
CA ARG A 25 -3.13 1.91 -0.81
C ARG A 25 -2.18 1.47 -1.91
N GLN A 26 -2.04 0.16 -2.07
CA GLN A 26 -1.15 -0.40 -3.09
C GLN A 26 -1.18 -1.93 -3.05
N GLY A 27 -2.34 -2.48 -2.73
CA GLY A 27 -2.47 -3.93 -2.67
C GLY A 27 -3.86 -4.40 -3.07
N LEU A 28 -4.89 -3.82 -2.45
CA LEU A 28 -6.26 -4.18 -2.75
C LEU A 28 -6.53 -4.14 -4.24
N LEU A 29 -5.82 -3.25 -4.94
CA LEU A 29 -5.98 -3.11 -6.39
C LEU A 29 -4.63 -3.01 -7.07
N PRO A 30 -4.60 -3.29 -8.39
CA PRO A 30 -3.37 -3.23 -9.19
C PRO A 30 -2.89 -1.80 -9.39
N CYS A 31 -1.57 -1.62 -9.44
CA CYS A 31 -0.97 -0.30 -9.63
C CYS A 31 -1.41 0.30 -10.97
N LYS A 32 -2.45 1.12 -10.92
CA LYS A 32 -2.97 1.76 -12.14
C LYS A 32 -2.27 3.10 -12.37
N ASP A 33 -2.80 3.87 -13.31
CA ASP A 33 -2.23 5.17 -13.63
C ASP A 33 -2.61 6.21 -12.58
N ASN A 34 -3.87 6.67 -12.63
CA ASN A 34 -4.35 7.66 -11.68
C ASN A 34 -4.22 7.16 -10.24
N LYS A 35 -3.46 7.89 -9.43
CA LYS A 35 -3.25 7.52 -8.04
C LYS A 35 -2.80 6.07 -7.92
N CYS A 36 -1.69 5.74 -8.57
CA CYS A 36 -1.15 4.40 -8.54
C CYS A 36 -1.02 3.90 -7.11
N TYR A 37 0.04 4.31 -6.43
CA TYR A 37 0.29 3.91 -5.06
C TYR A 37 0.34 5.12 -4.14
N CYS A 38 -0.32 5.01 -2.98
CA CYS A 38 -0.36 6.10 -2.02
C CYS A 38 -0.22 5.55 -0.59
N CYS A 39 0.17 6.43 0.33
CA CYS A 39 0.33 6.04 1.73
C CYS A 39 -0.03 7.20 2.66
N ILE A 40 -1.03 6.98 3.50
CA ILE A 40 -1.46 8.00 4.44
C ILE A 40 -1.33 7.52 5.88
N GLY A 41 -0.70 8.35 6.72
CA GLY A 41 -0.53 8.00 8.11
C GLY A 41 -0.36 9.21 9.01
N GLY A 42 0.77 9.90 8.87
CA GLY A 42 1.02 11.08 9.69
C GLY A 42 2.14 11.93 9.13
N GLY A 43 3.37 11.50 9.33
CA GLY A 43 4.52 12.26 8.85
C GLY A 43 4.73 12.08 7.36
N THR A 44 4.07 11.08 6.78
CA THR A 44 4.19 10.81 5.34
C THR A 44 3.06 11.46 4.57
N ARG A 45 1.85 10.92 4.71
CA ARG A 45 0.68 11.45 4.02
C ARG A 45 1.05 11.92 2.61
N GLN A 46 1.44 10.98 1.76
CA GLN A 46 1.81 11.29 0.39
C GLN A 46 1.30 10.23 -0.58
N CYS A 47 1.28 10.56 -1.86
CA CYS A 47 0.80 9.64 -2.89
C CYS A 47 1.55 9.87 -4.20
N TYR A 48 1.84 8.78 -4.91
CA TYR A 48 2.55 8.85 -6.17
C TYR A 48 1.83 8.04 -7.24
N ALA A 49 1.59 8.67 -8.39
CA ALA A 49 0.91 8.00 -9.50
C ALA A 49 1.84 7.86 -10.70
N THR A 50 3.05 8.39 -10.57
CA THR A 50 4.03 8.31 -11.65
C THR A 50 4.59 6.90 -11.80
N LEU A 51 4.92 6.54 -13.03
CA LEU A 51 5.46 5.22 -13.31
C LEU A 51 6.70 4.94 -12.48
N ALA A 52 7.51 5.98 -12.26
CA ALA A 52 8.73 5.86 -11.48
C ALA A 52 8.43 5.28 -10.09
N GLU A 53 7.40 5.82 -9.44
CA GLU A 53 7.02 5.36 -8.11
C GLU A 53 6.11 4.14 -8.20
N CYS A 54 5.45 3.98 -9.34
CA CYS A 54 4.55 2.87 -9.56
C CYS A 54 5.32 1.60 -9.93
N ARG A 55 6.60 1.77 -10.27
CA ARG A 55 7.45 0.65 -10.64
C ARG A 55 8.57 0.46 -9.63
N HIS A 56 8.97 1.55 -8.98
CA HIS A 56 10.03 1.50 -7.98
C HIS A 56 9.46 1.40 -6.57
N ALA A 57 8.29 2.01 -6.38
CA ALA A 57 7.64 2.00 -5.08
C ALA A 57 6.20 1.50 -5.20
N CYS A 58 6.03 0.22 -5.49
CA CYS A 58 4.71 -0.37 -5.64
C CYS A 58 4.81 -1.89 -5.80
N LEU A 59 5.75 -2.34 -6.61
CA LEU A 59 5.95 -3.76 -6.86
C LEU A 59 6.70 -4.41 -5.70
N PRO A 60 7.89 -3.87 -5.38
CA PRO A 60 8.71 -4.39 -4.29
C PRO A 60 8.11 -4.11 -2.91
N LEU A 61 7.46 -2.95 -2.78
CA LEU A 61 6.83 -2.56 -1.52
C LEU A 61 5.92 -3.67 -1.00
N ASN A 62 6.40 -4.38 0.02
CA ASN A 62 5.62 -5.46 0.62
C ASN A 62 6.09 -5.75 2.04
N THR A 63 6.70 -4.75 2.66
CA THR A 63 7.20 -4.90 4.03
C THR A 63 6.79 -3.72 4.90
N ASN A 64 6.51 -3.99 6.17
CA ASN A 64 6.09 -2.96 7.11
C ASN A 64 6.20 -3.45 8.55
N LEU A 1 -6.26 -19.71 15.84
CA LEU A 1 -7.11 -19.25 14.76
C LEU A 1 -8.03 -18.12 15.24
N GLN A 2 -8.15 -17.08 14.43
CA GLN A 2 -9.00 -15.94 14.78
C GLN A 2 -8.97 -14.89 13.68
N ASP A 3 -7.85 -14.17 13.57
CA ASP A 3 -7.70 -13.14 12.57
C ASP A 3 -8.78 -12.05 12.73
N GLU A 4 -8.48 -11.07 13.57
CA GLU A 4 -9.42 -9.98 13.81
C GLU A 4 -8.70 -8.74 14.33
N VAL A 5 -9.29 -7.57 14.08
CA VAL A 5 -8.70 -6.31 14.51
C VAL A 5 -7.33 -6.11 13.90
N GLY A 6 -7.28 -5.43 12.76
CA GLY A 6 -6.01 -5.17 12.09
C GLY A 6 -6.09 -4.01 11.13
N ALA A 7 -6.78 -4.21 10.01
CA ALA A 7 -6.93 -3.17 9.01
C ALA A 7 -8.12 -3.44 8.09
N PRO A 8 -8.60 -2.40 7.41
CA PRO A 8 -9.74 -2.50 6.50
C PRO A 8 -9.41 -3.29 5.23
N PRO A 9 -10.45 -3.66 4.47
CA PRO A 9 -10.29 -4.42 3.24
C PRO A 9 -9.64 -3.59 2.13
N ALA A 10 -8.48 -4.04 1.66
CA ALA A 10 -7.75 -3.35 0.61
C ALA A 10 -6.64 -4.23 0.03
N LEU A 11 -5.64 -4.52 0.85
CA LEU A 11 -4.52 -5.35 0.42
C LEU A 11 -4.95 -6.80 0.25
N SER A 12 -6.15 -7.12 0.75
CA SER A 12 -6.67 -8.48 0.65
C SER A 12 -8.13 -8.53 1.11
N ALA A 13 -8.33 -8.45 2.42
CA ALA A 13 -9.68 -8.48 2.99
C ALA A 13 -9.66 -8.15 4.48
N GLU A 14 -9.04 -9.04 5.27
CA GLU A 14 -8.95 -8.84 6.71
C GLU A 14 -7.88 -9.75 7.32
N GLU A 15 -6.84 -10.02 6.53
CA GLU A 15 -5.75 -10.89 6.99
C GLU A 15 -4.92 -10.18 8.07
N GLY A 16 -4.99 -8.85 8.09
CA GLY A 16 -4.25 -8.09 9.07
C GLY A 16 -2.82 -7.84 8.65
N VAL A 17 -2.64 -7.39 7.40
CA VAL A 17 -1.31 -7.11 6.88
C VAL A 17 -0.70 -5.87 7.54
N MET A 18 0.62 -5.76 7.46
CA MET A 18 1.32 -4.62 8.05
C MET A 18 2.80 -4.66 7.70
N GLU A 19 3.23 -3.72 6.86
CA GLU A 19 4.63 -3.64 6.45
C GLU A 19 5.42 -2.73 7.37
N THR A 20 5.19 -1.43 7.25
CA THR A 20 5.89 -0.45 8.09
C THR A 20 4.94 0.64 8.56
N ARG A 21 4.58 1.54 7.64
CA ARG A 21 3.68 2.64 7.97
C ARG A 21 2.37 2.11 8.57
N ALA A 22 1.52 1.56 7.73
CA ALA A 22 0.24 1.01 8.17
C ALA A 22 -0.53 0.39 7.01
N GLU A 23 -0.97 1.23 6.08
CA GLU A 23 -1.73 0.77 4.93
C GLU A 23 -1.32 1.53 3.67
N CYS A 24 -0.90 0.79 2.65
CA CYS A 24 -0.48 1.39 1.39
C CYS A 24 -1.22 0.78 0.21
N ARG A 25 -1.34 1.54 -0.87
CA ARG A 25 -2.03 1.08 -2.07
C ARG A 25 -1.08 0.98 -3.26
N GLN A 26 -0.85 -0.23 -3.73
CA GLN A 26 0.05 -0.45 -4.87
C GLN A 26 -0.06 -1.88 -5.37
N GLY A 27 -0.20 -2.82 -4.44
CA GLY A 27 -0.31 -4.22 -4.81
C GLY A 27 -1.74 -4.64 -5.12
N LEU A 28 -2.67 -4.21 -4.27
CA LEU A 28 -4.08 -4.53 -4.44
C LEU A 28 -4.55 -4.13 -5.84
N LEU A 29 -4.15 -2.95 -6.29
CA LEU A 29 -4.52 -2.46 -7.61
C LEU A 29 -3.30 -2.16 -8.46
N PRO A 30 -3.46 -2.21 -9.79
CA PRO A 30 -2.38 -1.95 -10.73
C PRO A 30 -1.96 -0.48 -10.75
N CYS A 31 -0.66 -0.24 -10.90
CA CYS A 31 -0.13 1.12 -10.93
C CYS A 31 -0.66 1.88 -12.14
N LYS A 32 -1.77 2.58 -11.96
CA LYS A 32 -2.38 3.36 -13.03
C LYS A 32 -1.85 4.78 -13.04
N ASP A 33 -2.48 5.65 -13.83
CA ASP A 33 -2.07 7.04 -13.93
C ASP A 33 -2.47 7.81 -12.67
N ASN A 34 -3.76 8.13 -12.56
CA ASN A 34 -4.27 8.86 -11.41
C ASN A 34 -3.96 8.12 -10.11
N LYS A 35 -3.16 8.76 -9.26
CA LYS A 35 -2.78 8.16 -7.99
C LYS A 35 -2.25 6.75 -8.18
N CYS A 36 -1.14 6.63 -8.92
CA CYS A 36 -0.52 5.33 -9.17
C CYS A 36 -0.32 4.56 -7.88
N TYR A 37 0.73 4.92 -7.14
CA TYR A 37 1.03 4.27 -5.88
C TYR A 37 1.00 5.26 -4.72
N CYS A 38 0.37 4.85 -3.62
CA CYS A 38 0.27 5.70 -2.45
C CYS A 38 0.48 4.90 -1.16
N CYS A 39 0.82 5.59 -0.09
CA CYS A 39 1.05 4.94 1.20
C CYS A 39 0.61 5.84 2.36
N ILE A 40 -0.33 5.34 3.15
CA ILE A 40 -0.83 6.10 4.29
C ILE A 40 -0.58 5.36 5.61
N GLY A 41 -0.02 6.07 6.58
CA GLY A 41 0.27 5.47 7.87
C GLY A 41 0.26 6.48 9.00
N GLY A 42 1.40 7.10 9.25
CA GLY A 42 1.50 8.08 10.32
C GLY A 42 2.26 9.32 9.89
N GLY A 43 3.58 9.24 9.93
CA GLY A 43 4.41 10.37 9.56
C GLY A 43 4.67 10.42 8.06
N THR A 44 4.00 9.56 7.31
CA THR A 44 4.16 9.50 5.87
C THR A 44 2.97 10.11 5.15
N ARG A 45 1.85 9.38 5.13
CA ARG A 45 0.64 9.86 4.48
C ARG A 45 0.97 10.62 3.20
N GLN A 46 1.45 9.90 2.19
CA GLN A 46 1.80 10.52 0.93
C GLN A 46 1.40 9.62 -0.24
N CYS A 47 1.34 10.20 -1.44
CA CYS A 47 0.97 9.45 -2.64
C CYS A 47 1.68 10.01 -3.87
N TYR A 48 2.11 9.12 -4.75
CA TYR A 48 2.80 9.52 -5.97
C TYR A 48 2.17 8.86 -7.20
N ALA A 49 1.87 9.68 -8.20
CA ALA A 49 1.27 9.17 -9.44
C ALA A 49 2.21 9.37 -10.62
N THR A 50 3.37 9.98 -10.36
CA THR A 50 4.35 10.23 -11.41
C THR A 50 5.05 8.93 -11.82
N LEU A 51 5.40 8.84 -13.10
CA LEU A 51 6.08 7.66 -13.62
C LEU A 51 7.34 7.36 -12.82
N ALA A 52 8.02 8.40 -12.38
CA ALA A 52 9.25 8.25 -11.60
C ALA A 52 9.01 7.37 -10.38
N GLU A 53 7.92 7.66 -9.65
CA GLU A 53 7.59 6.89 -8.46
C GLU A 53 6.80 5.65 -8.82
N CYS A 54 6.16 5.66 -9.98
CA CYS A 54 5.37 4.53 -10.45
C CYS A 54 6.27 3.45 -11.05
N ARG A 55 7.52 3.80 -11.31
CA ARG A 55 8.48 2.88 -11.88
C ARG A 55 9.61 2.58 -10.90
N HIS A 56 9.92 3.55 -10.04
CA HIS A 56 10.97 3.40 -9.05
C HIS A 56 10.41 2.95 -7.71
N ALA A 57 9.17 3.36 -7.43
CA ALA A 57 8.52 3.00 -6.18
C ALA A 57 7.12 2.43 -6.44
N CYS A 58 7.07 1.22 -7.00
CA CYS A 58 5.80 0.58 -7.30
C CYS A 58 6.02 -0.84 -7.81
N LEU A 59 7.01 -1.00 -8.69
CA LEU A 59 7.32 -2.31 -9.25
C LEU A 59 8.06 -3.17 -8.24
N PRO A 60 9.19 -2.66 -7.72
CA PRO A 60 10.01 -3.37 -6.74
C PRO A 60 9.33 -3.48 -5.38
N LEU A 61 8.51 -2.47 -5.05
CA LEU A 61 7.80 -2.46 -3.78
C LEU A 61 6.90 -3.67 -3.64
N ASN A 62 7.33 -4.64 -2.86
CA ASN A 62 6.56 -5.86 -2.63
C ASN A 62 7.15 -6.68 -1.49
N THR A 63 7.73 -5.99 -0.51
CA THR A 63 8.33 -6.65 0.63
C THR A 63 7.26 -7.15 1.61
N ASN A 64 7.62 -8.13 2.42
CA ASN A 64 6.69 -8.69 3.40
C ASN A 64 7.33 -8.78 4.77
N LEU A 1 -8.69 -22.05 2.96
CA LEU A 1 -9.93 -21.50 3.49
C LEU A 1 -9.66 -20.29 4.36
N GLN A 2 -9.79 -19.10 3.76
CA GLN A 2 -9.56 -17.86 4.49
C GLN A 2 -10.45 -17.78 5.72
N ASP A 3 -9.82 -17.70 6.90
CA ASP A 3 -10.56 -17.61 8.16
C ASP A 3 -10.77 -16.16 8.56
N GLU A 4 -11.93 -15.87 9.14
CA GLU A 4 -12.26 -14.52 9.58
C GLU A 4 -11.68 -14.23 10.95
N VAL A 5 -11.37 -12.96 11.20
CA VAL A 5 -10.79 -12.55 12.47
C VAL A 5 -11.29 -11.17 12.88
N GLY A 6 -12.60 -10.96 12.76
CA GLY A 6 -13.19 -9.68 13.12
C GLY A 6 -13.73 -8.93 11.92
N ALA A 7 -12.98 -7.93 11.47
CA ALA A 7 -13.39 -7.12 10.32
C ALA A 7 -12.96 -7.78 9.02
N PRO A 8 -13.60 -7.38 7.91
CA PRO A 8 -13.30 -7.92 6.59
C PRO A 8 -11.94 -7.47 6.07
N PRO A 9 -11.47 -8.11 4.98
CA PRO A 9 -10.18 -7.79 4.37
C PRO A 9 -10.18 -6.42 3.68
N ALA A 10 -9.47 -5.47 4.28
CA ALA A 10 -9.40 -4.12 3.73
C ALA A 10 -8.22 -3.99 2.77
N LEU A 11 -7.02 -3.89 3.34
CA LEU A 11 -5.80 -3.76 2.54
C LEU A 11 -5.30 -5.13 2.08
N SER A 12 -5.79 -6.18 2.73
CA SER A 12 -5.39 -7.54 2.40
C SER A 12 -6.09 -8.55 3.29
N ALA A 13 -6.31 -8.17 4.55
CA ALA A 13 -6.98 -9.04 5.51
C ALA A 13 -7.20 -8.33 6.83
N GLU A 14 -6.15 -8.18 7.62
CA GLU A 14 -6.24 -7.51 8.91
C GLU A 14 -5.56 -6.13 8.86
N GLU A 15 -4.63 -5.97 7.93
CA GLU A 15 -3.91 -4.70 7.78
C GLU A 15 -3.53 -4.14 9.13
N GLY A 16 -3.18 -5.02 10.06
CA GLY A 16 -2.78 -4.60 11.39
C GLY A 16 -1.29 -4.67 11.61
N VAL A 17 -0.53 -4.69 10.51
CA VAL A 17 0.92 -4.75 10.59
C VAL A 17 1.56 -3.44 10.15
N MET A 18 2.84 -3.27 10.47
CA MET A 18 3.57 -2.07 10.10
C MET A 18 5.05 -2.35 9.92
N GLU A 19 5.50 -2.43 8.67
CA GLU A 19 6.89 -2.70 8.37
C GLU A 19 7.76 -1.49 8.68
N THR A 20 7.69 -0.48 7.82
CA THR A 20 8.47 0.74 8.00
C THR A 20 7.60 1.87 8.56
N ARG A 21 6.76 2.44 7.70
CA ARG A 21 5.89 3.53 8.10
C ARG A 21 4.70 3.00 8.91
N ALA A 22 3.75 2.39 8.21
CA ALA A 22 2.56 1.84 8.86
C ALA A 22 1.64 1.16 7.85
N GLU A 23 1.03 1.97 7.00
CA GLU A 23 0.11 1.44 5.98
C GLU A 23 0.30 2.18 4.65
N CYS A 24 0.58 1.43 3.60
CA CYS A 24 0.79 2.02 2.28
C CYS A 24 -0.12 1.34 1.25
N ARG A 25 -0.41 2.06 0.17
CA ARG A 25 -1.26 1.54 -0.89
C ARG A 25 -0.49 1.45 -2.21
N GLN A 26 -0.35 0.24 -2.72
CA GLN A 26 0.37 0.01 -3.97
C GLN A 26 0.13 -1.41 -4.49
N GLY A 27 0.11 -2.36 -3.57
CA GLY A 27 -0.11 -3.75 -3.95
C GLY A 27 -1.57 -4.15 -3.89
N LEU A 28 -2.25 -3.72 -2.84
CA LEU A 28 -3.67 -4.03 -2.68
C LEU A 28 -4.47 -3.68 -3.93
N LEU A 29 -4.16 -2.52 -4.50
CA LEU A 29 -4.84 -2.06 -5.70
C LEU A 29 -3.85 -1.86 -6.85
N PRO A 30 -4.37 -1.84 -8.09
CA PRO A 30 -3.55 -1.65 -9.28
C PRO A 30 -3.00 -0.23 -9.39
N CYS A 31 -1.70 -0.13 -9.62
CA CYS A 31 -1.04 1.18 -9.75
C CYS A 31 -1.47 1.88 -11.03
N LYS A 32 -2.55 2.65 -10.93
CA LYS A 32 -3.07 3.39 -12.08
C LYS A 32 -3.07 4.89 -11.81
N ASP A 33 -3.70 5.64 -12.70
CA ASP A 33 -3.79 7.09 -12.56
C ASP A 33 -4.54 7.48 -11.29
N ASN A 34 -4.51 8.76 -10.96
CA ASN A 34 -5.20 9.25 -9.78
C ASN A 34 -4.69 8.54 -8.52
N LYS A 35 -3.73 9.16 -7.84
CA LYS A 35 -3.16 8.58 -6.63
C LYS A 35 -2.72 7.14 -6.86
N CYS A 36 -1.81 6.95 -7.80
CA CYS A 36 -1.30 5.62 -8.13
C CYS A 36 -0.84 4.90 -6.86
N TYR A 37 0.33 5.28 -6.37
CA TYR A 37 0.88 4.66 -5.18
C TYR A 37 1.08 5.70 -4.07
N CYS A 38 0.67 5.34 -2.85
CA CYS A 38 0.79 6.24 -1.71
C CYS A 38 1.23 5.47 -0.47
N CYS A 39 1.70 6.20 0.53
CA CYS A 39 2.16 5.59 1.78
C CYS A 39 1.88 6.50 2.97
N ILE A 40 1.08 6.01 3.91
CA ILE A 40 0.73 6.78 5.10
C ILE A 40 1.21 6.08 6.37
N GLY A 41 1.88 6.83 7.23
CA GLY A 41 2.38 6.27 8.47
C GLY A 41 2.70 7.33 9.50
N GLY A 42 3.58 8.26 9.13
CA GLY A 42 3.96 9.32 10.04
C GLY A 42 5.17 10.09 9.56
N GLY A 43 6.36 9.50 9.73
CA GLY A 43 7.58 10.14 9.30
C GLY A 43 7.59 10.46 7.81
N THR A 44 6.72 9.78 7.07
CA THR A 44 6.63 9.99 5.63
C THR A 44 5.30 10.62 5.24
N ARG A 45 4.24 9.82 5.26
CA ARG A 45 2.91 10.31 4.91
C ARG A 45 2.94 11.08 3.59
N GLN A 46 3.12 10.36 2.49
CA GLN A 46 3.17 10.99 1.17
C GLN A 46 2.46 10.12 0.13
N CYS A 47 2.20 10.70 -1.03
CA CYS A 47 1.54 9.99 -2.11
C CYS A 47 2.03 10.46 -3.47
N TYR A 48 2.20 9.52 -4.39
CA TYR A 48 2.66 9.84 -5.74
C TYR A 48 1.83 9.14 -6.80
N ALA A 49 1.37 9.91 -7.78
CA ALA A 49 0.55 9.36 -8.85
C ALA A 49 1.28 9.43 -10.19
N THR A 50 2.47 10.00 -10.17
CA THR A 50 3.27 10.13 -11.39
C THR A 50 3.85 8.79 -11.81
N LEU A 51 3.92 8.57 -13.12
CA LEU A 51 4.46 7.32 -13.66
C LEU A 51 5.84 7.03 -13.08
N ALA A 52 6.62 8.08 -12.87
CA ALA A 52 7.97 7.93 -12.32
C ALA A 52 7.94 7.17 -11.00
N GLU A 53 7.01 7.56 -10.12
CA GLU A 53 6.89 6.91 -8.82
C GLU A 53 6.03 5.66 -8.92
N CYS A 54 5.20 5.60 -9.95
CA CYS A 54 4.32 4.45 -10.16
C CYS A 54 5.07 3.30 -10.81
N ARG A 55 6.25 3.60 -11.36
CA ARG A 55 7.08 2.60 -12.02
C ARG A 55 8.37 2.35 -11.24
N HIS A 56 8.83 3.38 -10.53
CA HIS A 56 10.05 3.28 -9.74
C HIS A 56 9.73 2.99 -8.28
N ALA A 57 8.57 3.45 -7.82
CA ALA A 57 8.15 3.24 -6.44
C ALA A 57 6.74 2.63 -6.38
N CYS A 58 6.63 1.39 -6.84
CA CYS A 58 5.35 0.70 -6.84
C CYS A 58 5.51 -0.75 -7.29
N LEU A 59 6.28 -0.95 -8.36
CA LEU A 59 6.52 -2.28 -8.89
C LEU A 59 7.50 -3.06 -8.01
N PRO A 60 8.68 -2.48 -7.80
CA PRO A 60 9.73 -3.08 -6.97
C PRO A 60 9.36 -3.12 -5.49
N LEU A 61 8.53 -2.16 -5.08
CA LEU A 61 8.10 -2.08 -3.69
C LEU A 61 7.42 -3.38 -3.25
N ASN A 62 8.14 -4.19 -2.49
CA ASN A 62 7.61 -5.45 -2.00
C ASN A 62 7.64 -5.52 -0.47
N THR A 63 8.68 -4.92 0.10
CA THR A 63 8.85 -4.91 1.55
C THR A 63 8.40 -6.23 2.16
N ASN A 64 8.78 -7.33 1.54
CA ASN A 64 8.41 -8.66 2.02
C ASN A 64 9.64 -9.42 2.52
N LEU A 1 -13.37 -3.29 3.92
CA LEU A 1 -13.57 -4.71 3.68
C LEU A 1 -14.95 -5.15 4.15
N GLN A 2 -15.46 -6.23 3.56
CA GLN A 2 -16.78 -6.75 3.92
C GLN A 2 -17.11 -7.99 3.10
N ASP A 3 -17.45 -9.07 3.80
CA ASP A 3 -17.79 -10.33 3.14
C ASP A 3 -16.60 -10.88 2.37
N GLU A 4 -15.67 -11.48 3.09
CA GLU A 4 -14.48 -12.06 2.48
C GLU A 4 -13.83 -13.09 3.40
N VAL A 5 -14.41 -14.28 3.44
CA VAL A 5 -13.89 -15.35 4.28
C VAL A 5 -12.72 -16.07 3.61
N GLY A 6 -11.64 -16.25 4.36
CA GLY A 6 -10.47 -16.92 3.83
C GLY A 6 -9.21 -16.60 4.61
N ALA A 7 -8.34 -15.80 4.01
CA ALA A 7 -7.09 -15.41 4.66
C ALA A 7 -6.36 -14.33 3.86
N PRO A 8 -6.95 -13.13 3.83
CA PRO A 8 -6.38 -11.99 3.11
C PRO A 8 -5.10 -11.46 3.77
N PRO A 9 -4.38 -10.59 3.04
CA PRO A 9 -3.13 -10.00 3.53
C PRO A 9 -3.36 -9.02 4.67
N ALA A 10 -4.60 -8.54 4.78
CA ALA A 10 -4.95 -7.59 5.83
C ALA A 10 -4.14 -6.31 5.70
N LEU A 11 -3.70 -6.02 4.49
CA LEU A 11 -2.91 -4.81 4.23
C LEU A 11 -3.79 -3.57 4.24
N SER A 12 -5.11 -3.78 4.23
CA SER A 12 -6.06 -2.68 4.24
C SER A 12 -7.11 -2.87 5.33
N ALA A 13 -6.68 -3.43 6.45
CA ALA A 13 -7.58 -3.66 7.58
C ALA A 13 -7.67 -2.44 8.49
N GLU A 14 -6.60 -2.17 9.22
CA GLU A 14 -6.56 -1.03 10.13
C GLU A 14 -5.19 -0.93 10.82
N GLU A 15 -4.75 -2.05 11.39
CA GLU A 15 -3.47 -2.09 12.09
C GLU A 15 -2.68 -3.34 11.69
N GLY A 16 -2.64 -3.63 10.40
CA GLY A 16 -1.93 -4.80 9.93
C GLY A 16 -0.45 -4.74 10.26
N VAL A 17 0.36 -4.33 9.29
CA VAL A 17 1.81 -4.24 9.49
C VAL A 17 2.23 -2.79 9.73
N MET A 18 3.54 -2.59 9.87
CA MET A 18 4.07 -1.25 10.10
C MET A 18 5.60 -1.29 10.18
N GLU A 19 6.23 -0.19 9.78
CA GLU A 19 7.69 -0.09 9.81
C GLU A 19 8.13 1.32 10.15
N THR A 20 8.00 2.23 9.18
CA THR A 20 8.40 3.62 9.36
C THR A 20 7.19 4.50 9.68
N ARG A 21 6.39 4.78 8.67
CA ARG A 21 5.20 5.60 8.84
C ARG A 21 4.18 4.91 9.75
N ALA A 22 3.49 3.91 9.21
CA ALA A 22 2.49 3.17 9.96
C ALA A 22 1.87 2.06 9.12
N GLU A 23 1.13 2.46 8.10
CA GLU A 23 0.47 1.50 7.21
C GLU A 23 0.52 1.97 5.77
N CYS A 24 1.06 1.12 4.89
CA CYS A 24 1.16 1.45 3.47
C CYS A 24 0.52 0.37 2.61
N ARG A 25 -0.05 0.78 1.48
CA ARG A 25 -0.70 -0.15 0.57
C ARG A 25 0.03 -0.20 -0.77
N GLN A 26 0.63 -1.35 -1.07
CA GLN A 26 1.36 -1.52 -2.33
C GLN A 26 1.63 -2.99 -2.61
N GLY A 27 0.78 -3.85 -2.07
CA GLY A 27 0.94 -5.28 -2.27
C GLY A 27 -0.38 -5.98 -2.56
N LEU A 28 -1.44 -5.54 -1.90
CA LEU A 28 -2.76 -6.12 -2.09
C LEU A 28 -3.12 -6.21 -3.56
N LEU A 29 -2.60 -5.27 -4.34
CA LEU A 29 -2.86 -5.24 -5.78
C LEU A 29 -1.63 -4.78 -6.55
N PRO A 30 -1.57 -5.12 -7.84
CA PRO A 30 -0.45 -4.75 -8.72
C PRO A 30 -0.42 -3.26 -9.01
N CYS A 31 0.55 -2.83 -9.81
CA CYS A 31 0.70 -1.43 -10.17
C CYS A 31 0.08 -1.16 -11.55
N LYS A 32 -1.18 -0.75 -11.56
CA LYS A 32 -1.89 -0.45 -12.79
C LYS A 32 -2.47 0.95 -12.75
N ASP A 33 -3.35 1.24 -13.71
CA ASP A 33 -3.99 2.56 -13.79
C ASP A 33 -4.59 2.96 -12.44
N ASN A 34 -4.96 4.22 -12.31
CA ASN A 34 -5.54 4.73 -11.08
C ASN A 34 -4.52 4.67 -9.94
N LYS A 35 -5.00 4.87 -8.72
CA LYS A 35 -4.13 4.84 -7.54
C LYS A 35 -3.23 3.61 -7.57
N CYS A 36 -1.92 3.85 -7.62
CA CYS A 36 -0.94 2.77 -7.65
C CYS A 36 -0.56 2.35 -6.23
N TYR A 37 0.40 3.07 -5.65
CA TYR A 37 0.86 2.77 -4.30
C TYR A 37 0.67 3.97 -3.38
N CYS A 38 0.17 3.71 -2.17
CA CYS A 38 -0.05 4.78 -1.20
C CYS A 38 0.51 4.39 0.16
N CYS A 39 0.82 5.39 0.98
CA CYS A 39 1.36 5.16 2.31
C CYS A 39 0.81 6.18 3.31
N ILE A 40 0.10 5.68 4.32
CA ILE A 40 -0.47 6.55 5.34
C ILE A 40 0.05 6.19 6.73
N GLY A 41 0.50 7.20 7.46
CA GLY A 41 1.02 6.97 8.79
C GLY A 41 1.31 8.26 9.54
N GLY A 42 2.57 8.68 9.53
CA GLY A 42 2.95 9.90 10.22
C GLY A 42 3.93 10.73 9.41
N GLY A 43 3.63 12.02 9.27
CA GLY A 43 4.50 12.91 8.51
C GLY A 43 4.58 12.53 7.04
N THR A 44 3.66 11.66 6.61
CA THR A 44 3.63 11.23 5.22
C THR A 44 2.24 11.37 4.63
N ARG A 45 1.36 10.43 4.98
CA ARG A 45 -0.02 10.45 4.48
C ARG A 45 -0.07 10.94 3.04
N GLN A 46 0.53 10.17 2.13
CA GLN A 46 0.56 10.52 0.72
C GLN A 46 0.37 9.29 -0.16
N CYS A 47 0.06 9.51 -1.43
CA CYS A 47 -0.15 8.42 -2.37
C CYS A 47 0.27 8.83 -3.78
N TYR A 48 0.86 7.90 -4.51
CA TYR A 48 1.32 8.16 -5.86
C TYR A 48 0.68 7.20 -6.86
N ALA A 49 0.10 7.75 -7.91
CA ALA A 49 -0.56 6.95 -8.95
C ALA A 49 0.09 7.15 -10.30
N THR A 50 1.13 7.98 -10.33
CA THR A 50 1.83 8.26 -11.58
C THR A 50 2.81 7.14 -11.92
N LEU A 51 3.01 6.91 -13.22
CA LEU A 51 3.92 5.86 -13.68
C LEU A 51 5.29 6.03 -13.05
N ALA A 52 5.70 7.27 -12.86
CA ALA A 52 7.00 7.57 -12.28
C ALA A 52 7.16 6.87 -10.93
N GLU A 53 6.15 6.97 -10.08
CA GLU A 53 6.18 6.34 -8.77
C GLU A 53 5.71 4.89 -8.84
N CYS A 54 4.93 4.59 -9.88
CA CYS A 54 4.41 3.23 -10.06
C CYS A 54 5.47 2.32 -10.66
N ARG A 55 6.57 2.93 -11.14
CA ARG A 55 7.66 2.17 -11.74
C ARG A 55 8.94 2.33 -10.93
N HIS A 56 9.08 3.47 -10.27
CA HIS A 56 10.26 3.76 -9.46
C HIS A 56 10.02 3.37 -8.00
N ALA A 57 8.80 3.61 -7.53
CA ALA A 57 8.44 3.29 -6.16
C ALA A 57 7.20 2.40 -6.10
N CYS A 58 7.36 1.14 -6.50
CA CYS A 58 6.24 0.20 -6.50
C CYS A 58 6.76 -1.23 -6.72
N LEU A 59 7.75 -1.37 -7.60
CA LEU A 59 8.32 -2.68 -7.90
C LEU A 59 9.22 -3.15 -6.77
N PRO A 60 10.21 -2.32 -6.42
CA PRO A 60 11.16 -2.64 -5.35
C PRO A 60 10.52 -2.60 -3.97
N LEU A 61 9.59 -1.66 -3.79
CA LEU A 61 8.89 -1.52 -2.51
C LEU A 61 8.31 -2.85 -2.05
N ASN A 62 8.97 -3.48 -1.07
CA ASN A 62 8.51 -4.75 -0.55
C ASN A 62 9.08 -5.00 0.85
N THR A 63 9.40 -3.92 1.55
CA THR A 63 9.96 -4.02 2.89
C THR A 63 9.07 -4.85 3.80
N ASN A 64 9.66 -5.45 4.83
CA ASN A 64 8.91 -6.26 5.77
C ASN A 64 8.99 -5.69 7.18
N LEU A 1 -12.95 -22.31 6.37
CA LEU A 1 -11.54 -22.37 6.76
C LEU A 1 -11.15 -21.15 7.58
N GLN A 2 -11.61 -21.11 8.83
CA GLN A 2 -11.30 -20.00 9.71
C GLN A 2 -11.74 -18.67 9.10
N ASP A 3 -13.05 -18.47 9.03
CA ASP A 3 -13.60 -17.23 8.46
C ASP A 3 -14.91 -16.87 9.14
N GLU A 4 -15.54 -15.80 8.66
CA GLU A 4 -16.81 -15.35 9.23
C GLU A 4 -17.59 -14.53 8.21
N VAL A 5 -17.36 -14.80 6.93
CA VAL A 5 -18.04 -14.09 5.86
C VAL A 5 -17.85 -12.58 5.98
N GLY A 6 -16.66 -12.11 5.58
CA GLY A 6 -16.37 -10.70 5.65
C GLY A 6 -14.88 -10.42 5.77
N ALA A 7 -14.50 -9.65 6.79
CA ALA A 7 -13.10 -9.32 7.01
C ALA A 7 -12.51 -8.63 5.79
N PRO A 8 -12.93 -7.38 5.54
CA PRO A 8 -12.45 -6.59 4.40
C PRO A 8 -11.01 -6.15 4.58
N PRO A 9 -10.41 -5.65 3.49
CA PRO A 9 -9.02 -5.18 3.49
C PRO A 9 -8.84 -3.90 4.31
N ALA A 10 -8.12 -4.02 5.42
CA ALA A 10 -7.88 -2.88 6.29
C ALA A 10 -6.53 -2.22 5.97
N LEU A 11 -6.07 -2.39 4.73
CA LEU A 11 -4.80 -1.82 4.30
C LEU A 11 -3.70 -2.15 5.30
N SER A 12 -3.12 -3.34 5.18
CA SER A 12 -2.06 -3.77 6.07
C SER A 12 -1.33 -4.99 5.50
N ALA A 13 -1.98 -6.14 5.58
CA ALA A 13 -1.39 -7.38 5.07
C ALA A 13 -2.39 -8.53 5.16
N GLU A 14 -2.58 -9.05 6.36
CA GLU A 14 -3.51 -10.15 6.57
C GLU A 14 -3.65 -10.46 8.07
N GLU A 15 -2.55 -10.33 8.80
CA GLU A 15 -2.56 -10.60 10.23
C GLU A 15 -2.08 -9.38 11.01
N GLY A 16 -2.23 -8.20 10.41
CA GLY A 16 -1.80 -6.98 11.06
C GLY A 16 -0.46 -6.49 10.55
N VAL A 17 0.62 -6.98 11.16
CA VAL A 17 1.97 -6.59 10.76
C VAL A 17 2.11 -5.07 10.72
N MET A 18 3.25 -4.60 10.23
CA MET A 18 3.50 -3.17 10.14
C MET A 18 4.86 -2.90 9.50
N GLU A 19 4.85 -2.53 8.22
CA GLU A 19 6.09 -2.24 7.50
C GLU A 19 6.95 -1.24 8.27
N THR A 20 6.53 0.02 8.26
CA THR A 20 7.27 1.07 8.95
C THR A 20 6.35 2.21 9.35
N ARG A 21 5.95 3.02 8.37
CA ARG A 21 5.06 4.15 8.62
C ARG A 21 3.81 3.71 9.37
N ALA A 22 2.90 3.06 8.65
CA ALA A 22 1.66 2.58 9.25
C ALA A 22 0.80 1.85 8.23
N GLU A 23 0.30 2.58 7.23
CA GLU A 23 -0.53 2.00 6.20
C GLU A 23 -0.34 2.74 4.87
N CYS A 24 -0.18 1.98 3.79
CA CYS A 24 0.01 2.57 2.47
C CYS A 24 -1.00 1.99 1.48
N ARG A 25 -1.29 2.76 0.43
CA ARG A 25 -2.24 2.33 -0.60
C ARG A 25 -1.52 2.00 -1.89
N GLN A 26 -1.74 0.79 -2.39
CA GLN A 26 -1.11 0.34 -3.64
C GLN A 26 -1.54 -1.09 -3.98
N GLY A 27 -2.79 -1.41 -3.65
CA GLY A 27 -3.29 -2.75 -3.93
C GLY A 27 -4.51 -2.71 -4.84
N LEU A 28 -5.24 -1.60 -4.83
CA LEU A 28 -6.43 -1.46 -5.66
C LEU A 28 -6.13 -1.80 -7.11
N LEU A 29 -4.97 -1.37 -7.59
CA LEU A 29 -4.56 -1.63 -8.97
C LEU A 29 -3.04 -1.65 -9.10
N PRO A 30 -2.54 -2.29 -10.16
CA PRO A 30 -1.10 -2.38 -10.42
C PRO A 30 -0.49 -1.04 -10.82
N CYS A 31 -0.41 -0.12 -9.86
CA CYS A 31 0.15 1.19 -10.11
C CYS A 31 -0.49 1.83 -11.33
N LYS A 32 -1.59 2.54 -11.12
CA LYS A 32 -2.30 3.21 -12.20
C LYS A 32 -2.19 4.73 -12.08
N ASP A 33 -2.87 5.45 -12.96
CA ASP A 33 -2.84 6.91 -12.95
C ASP A 33 -3.67 7.45 -11.78
N ASN A 34 -3.64 8.77 -11.61
CA ASN A 34 -4.39 9.42 -10.54
C ASN A 34 -4.07 8.76 -9.19
N LYS A 35 -3.04 9.26 -8.52
CA LYS A 35 -2.63 8.73 -7.23
C LYS A 35 -2.18 7.29 -7.35
N CYS A 36 -1.12 7.07 -8.13
CA CYS A 36 -0.60 5.72 -8.33
C CYS A 36 -0.38 5.01 -6.99
N TYR A 37 0.71 5.36 -6.31
CA TYR A 37 1.03 4.76 -5.02
C TYR A 37 1.10 5.81 -3.94
N CYS A 38 0.50 5.52 -2.79
CA CYS A 38 0.49 6.44 -1.66
C CYS A 38 0.85 5.72 -0.36
N CYS A 39 1.34 6.49 0.61
CA CYS A 39 1.71 5.92 1.90
C CYS A 39 1.44 6.91 3.04
N ILE A 40 0.63 6.50 3.99
CA ILE A 40 0.29 7.35 5.13
C ILE A 40 0.72 6.70 6.45
N GLY A 41 1.41 7.49 7.28
CA GLY A 41 1.87 6.98 8.55
C GLY A 41 1.99 8.06 9.60
N GLY A 42 3.19 8.61 9.75
CA GLY A 42 3.41 9.67 10.72
C GLY A 42 4.07 10.89 10.12
N GLY A 43 5.40 10.85 10.02
CA GLY A 43 6.14 11.97 9.46
C GLY A 43 6.23 11.90 7.94
N THR A 44 5.51 10.96 7.36
CA THR A 44 5.52 10.79 5.90
C THR A 44 4.25 11.35 5.27
N ARG A 45 3.15 10.62 5.42
CA ARG A 45 1.88 11.05 4.86
C ARG A 45 2.07 11.73 3.51
N GLN A 46 2.46 10.94 2.51
CA GLN A 46 2.69 11.47 1.17
C GLN A 46 2.19 10.49 0.11
N CYS A 47 2.01 10.98 -1.10
CA CYS A 47 1.53 10.15 -2.21
C CYS A 47 2.16 10.60 -3.53
N TYR A 48 2.52 9.62 -4.37
CA TYR A 48 3.12 9.91 -5.65
C TYR A 48 2.36 9.21 -6.78
N ALA A 49 2.08 9.96 -7.85
CA ALA A 49 1.36 9.43 -8.99
C ALA A 49 2.21 9.48 -10.25
N THR A 50 3.44 9.97 -10.11
CA THR A 50 4.36 10.08 -11.24
C THR A 50 4.97 8.73 -11.59
N LEU A 51 5.22 8.53 -12.89
CA LEU A 51 5.80 7.28 -13.36
C LEU A 51 7.10 6.97 -12.61
N ALA A 52 7.86 8.01 -12.30
CA ALA A 52 9.12 7.85 -11.60
C ALA A 52 8.92 7.09 -10.29
N GLU A 53 7.91 7.49 -9.52
CA GLU A 53 7.62 6.84 -8.25
C GLU A 53 6.74 5.61 -8.46
N CYS A 54 6.04 5.57 -9.58
CA CYS A 54 5.16 4.45 -9.90
C CYS A 54 5.97 3.27 -10.44
N ARG A 55 7.22 3.54 -10.82
CA ARG A 55 8.09 2.50 -11.35
C ARG A 55 9.27 2.24 -10.41
N HIS A 56 9.66 3.27 -9.67
CA HIS A 56 10.77 3.15 -8.72
C HIS A 56 10.26 2.84 -7.32
N ALA A 57 9.09 3.39 -6.99
CA ALA A 57 8.49 3.16 -5.68
C ALA A 57 7.08 2.61 -5.81
N CYS A 58 6.97 1.35 -6.24
CA CYS A 58 5.67 0.71 -6.40
C CYS A 58 5.84 -0.76 -6.77
N LEU A 59 6.76 -1.03 -7.69
CA LEU A 59 7.02 -2.40 -8.13
C LEU A 59 7.81 -3.17 -7.09
N PRO A 60 8.99 -2.61 -6.71
CA PRO A 60 9.86 -3.23 -5.71
C PRO A 60 9.28 -3.18 -4.32
N LEU A 61 8.46 -2.16 -4.06
CA LEU A 61 7.83 -1.99 -2.75
C LEU A 61 7.13 -3.27 -2.32
N ASN A 62 7.71 -3.96 -1.33
CA ASN A 62 7.14 -5.20 -0.82
C ASN A 62 7.51 -5.41 0.64
N THR A 63 8.78 -5.18 0.97
CA THR A 63 9.26 -5.34 2.33
C THR A 63 8.88 -6.70 2.90
N ASN A 64 9.73 -7.70 2.65
CA ASN A 64 9.48 -9.05 3.14
C ASN A 64 9.72 -9.14 4.64
N LEU A 1 -18.67 -8.46 -5.90
CA LEU A 1 -17.66 -9.31 -6.49
C LEU A 1 -16.49 -9.52 -5.53
N GLN A 2 -16.65 -10.50 -4.64
CA GLN A 2 -15.61 -10.79 -3.66
C GLN A 2 -15.26 -9.56 -2.83
N ASP A 3 -16.25 -9.00 -2.15
CA ASP A 3 -16.06 -7.81 -1.34
C ASP A 3 -16.85 -7.91 -0.04
N GLU A 4 -16.30 -7.35 1.04
CA GLU A 4 -16.96 -7.37 2.33
C GLU A 4 -16.31 -6.37 3.29
N VAL A 5 -16.92 -5.19 3.40
CA VAL A 5 -16.41 -4.15 4.28
C VAL A 5 -14.88 -4.09 4.24
N GLY A 6 -14.33 -4.28 3.04
CA GLY A 6 -12.88 -4.25 2.88
C GLY A 6 -12.23 -5.58 3.21
N ALA A 7 -11.84 -5.74 4.46
CA ALA A 7 -11.20 -6.98 4.90
C ALA A 7 -9.99 -7.32 4.03
N PRO A 8 -8.91 -6.55 4.19
CA PRO A 8 -7.68 -6.75 3.42
C PRO A 8 -6.95 -8.03 3.82
N PRO A 9 -5.96 -8.43 3.00
CA PRO A 9 -5.17 -9.63 3.24
C PRO A 9 -4.25 -9.49 4.45
N ALA A 10 -3.65 -8.30 4.59
CA ALA A 10 -2.75 -8.04 5.71
C ALA A 10 -2.29 -6.58 5.71
N LEU A 11 -2.06 -6.04 4.51
CA LEU A 11 -1.62 -4.66 4.37
C LEU A 11 -0.24 -4.47 4.98
N SER A 12 0.44 -5.58 5.26
CA SER A 12 1.77 -5.53 5.85
C SER A 12 2.60 -6.75 5.43
N ALA A 13 2.29 -7.90 6.01
CA ALA A 13 3.00 -9.13 5.70
C ALA A 13 2.28 -10.34 6.30
N GLU A 14 2.43 -10.52 7.60
CA GLU A 14 1.79 -11.64 8.30
C GLU A 14 1.55 -11.30 9.76
N GLU A 15 2.62 -11.15 10.53
CA GLU A 15 2.52 -10.84 11.95
C GLU A 15 3.78 -10.14 12.44
N GLY A 16 4.50 -9.52 11.52
CA GLY A 16 5.73 -8.82 11.87
C GLY A 16 5.53 -7.32 12.01
N VAL A 17 6.46 -6.55 11.47
CA VAL A 17 6.39 -5.09 11.53
C VAL A 17 6.29 -4.49 10.13
N MET A 18 5.52 -3.41 10.01
CA MET A 18 5.35 -2.74 8.74
C MET A 18 4.63 -1.41 8.92
N GLU A 19 5.37 -0.37 9.26
CA GLU A 19 4.80 0.96 9.47
C GLU A 19 5.89 1.96 9.82
N THR A 20 6.07 2.96 8.95
CA THR A 20 7.07 3.98 9.17
C THR A 20 6.43 5.29 9.59
N ARG A 21 5.81 5.99 8.64
CA ARG A 21 5.15 7.26 8.92
C ARG A 21 3.94 7.06 9.81
N ALA A 22 3.03 6.18 9.38
CA ALA A 22 1.83 5.90 10.16
C ALA A 22 0.99 4.81 9.48
N GLU A 23 0.49 5.11 8.29
CA GLU A 23 -0.33 4.15 7.54
C GLU A 23 -0.01 4.23 6.05
N CYS A 24 0.21 3.08 5.44
CA CYS A 24 0.51 3.00 4.01
C CYS A 24 -0.43 2.04 3.30
N ARG A 25 -0.83 2.39 2.09
CA ARG A 25 -1.72 1.55 1.30
C ARG A 25 -1.02 1.02 0.05
N GLN A 26 -0.85 -0.29 -0.01
CA GLN A 26 -0.20 -0.93 -1.14
C GLN A 26 -0.26 -2.45 -1.04
N GLY A 27 -1.34 -2.95 -0.43
CA GLY A 27 -1.50 -4.38 -0.28
C GLY A 27 -2.93 -4.83 -0.53
N LEU A 28 -3.89 -4.03 -0.07
CA LEU A 28 -5.30 -4.36 -0.24
C LEU A 28 -5.60 -4.69 -1.70
N LEU A 29 -5.16 -3.83 -2.61
CA LEU A 29 -5.39 -4.03 -4.04
C LEU A 29 -4.07 -4.05 -4.80
N PRO A 30 -4.08 -4.64 -6.00
CA PRO A 30 -2.89 -4.73 -6.85
C PRO A 30 -2.49 -3.38 -7.43
N CYS A 31 -1.23 -3.28 -7.87
CA CYS A 31 -0.72 -2.05 -8.43
C CYS A 31 -1.13 -1.90 -9.89
N LYS A 32 -2.24 -1.18 -10.11
CA LYS A 32 -2.74 -0.96 -11.46
C LYS A 32 -3.11 0.51 -11.67
N ASP A 33 -3.85 0.78 -12.73
CA ASP A 33 -4.27 2.14 -13.04
C ASP A 33 -4.89 2.82 -11.82
N ASN A 34 -5.06 4.13 -11.89
CA ASN A 34 -5.63 4.89 -10.79
C ASN A 34 -4.76 4.80 -9.55
N LYS A 35 -5.30 5.23 -8.41
CA LYS A 35 -4.57 5.19 -7.16
C LYS A 35 -3.90 3.83 -6.95
N CYS A 36 -2.60 3.78 -7.17
CA CYS A 36 -1.85 2.54 -7.00
C CYS A 36 -1.36 2.39 -5.57
N TYR A 37 -0.26 3.04 -5.25
CA TYR A 37 0.31 2.98 -3.90
C TYR A 37 0.38 4.36 -3.27
N CYS A 38 -0.03 4.44 -2.01
CA CYS A 38 -0.03 5.71 -1.29
C CYS A 38 0.43 5.50 0.16
N CYS A 39 0.86 6.60 0.80
CA CYS A 39 1.32 6.54 2.17
C CYS A 39 0.92 7.80 2.94
N ILE A 40 0.10 7.61 3.97
CA ILE A 40 -0.36 8.72 4.79
C ILE A 40 0.06 8.55 6.24
N GLY A 41 0.64 9.60 6.82
CA GLY A 41 1.07 9.55 8.20
C GLY A 41 1.55 10.89 8.71
N GLY A 42 2.82 11.19 8.49
CA GLY A 42 3.38 12.46 8.95
C GLY A 42 4.62 12.85 8.18
N GLY A 43 4.77 14.14 7.91
CA GLY A 43 5.94 14.62 7.17
C GLY A 43 6.00 14.06 5.77
N THR A 44 4.90 13.48 5.31
CA THR A 44 4.84 12.89 3.97
C THR A 44 3.45 13.05 3.36
N ARG A 45 2.53 12.19 3.77
CA ARG A 45 1.17 12.23 3.26
C ARG A 45 1.16 12.45 1.75
N GLN A 46 1.50 11.41 1.00
CA GLN A 46 1.53 11.48 -0.45
C GLN A 46 1.03 10.19 -1.07
N CYS A 47 0.75 10.23 -2.37
CA CYS A 47 0.25 9.06 -3.09
C CYS A 47 0.73 9.07 -4.54
N TYR A 48 1.10 7.89 -5.05
CA TYR A 48 1.57 7.77 -6.42
C TYR A 48 0.79 6.68 -7.16
N ALA A 49 0.29 7.03 -8.34
CA ALA A 49 -0.46 6.09 -9.16
C ALA A 49 0.24 5.82 -10.48
N THR A 50 1.38 6.48 -10.69
CA THR A 50 2.15 6.31 -11.92
C THR A 50 2.89 4.97 -11.92
N LEU A 51 3.06 4.40 -13.10
CA LEU A 51 3.75 3.12 -13.25
C LEU A 51 5.15 3.18 -12.63
N ALA A 52 5.79 4.34 -12.75
CA ALA A 52 7.12 4.54 -12.20
C ALA A 52 7.16 4.20 -10.71
N GLU A 53 6.18 4.70 -9.98
CA GLU A 53 6.10 4.46 -8.54
C GLU A 53 5.39 3.13 -8.26
N CYS A 54 4.57 2.70 -9.21
CA CYS A 54 3.84 1.45 -9.06
C CYS A 54 4.71 0.25 -9.39
N ARG A 55 5.88 0.52 -9.96
CA ARG A 55 6.82 -0.54 -10.33
C ARG A 55 8.12 -0.41 -9.54
N HIS A 56 8.45 0.82 -9.15
CA HIS A 56 9.67 1.08 -8.39
C HIS A 56 9.38 1.14 -6.90
N ALA A 57 8.21 1.67 -6.56
CA ALA A 57 7.81 1.80 -5.15
C ALA A 57 6.43 1.20 -4.93
N CYS A 58 6.34 -0.13 -5.03
CA CYS A 58 5.07 -0.82 -4.82
C CYS A 58 5.29 -2.32 -4.67
N LEU A 59 6.19 -2.86 -5.48
CA LEU A 59 6.50 -4.29 -5.45
C LEU A 59 7.43 -4.61 -4.28
N PRO A 60 8.59 -3.94 -4.24
CA PRO A 60 9.59 -4.14 -3.19
C PRO A 60 9.12 -3.59 -1.84
N LEU A 61 8.14 -2.71 -1.88
CA LEU A 61 7.59 -2.11 -0.66
C LEU A 61 7.04 -3.18 0.27
N ASN A 62 7.78 -3.49 1.32
CA ASN A 62 7.37 -4.50 2.28
C ASN A 62 8.25 -4.45 3.54
N THR A 63 8.76 -3.26 3.84
CA THR A 63 9.60 -3.07 5.02
C THR A 63 9.00 -2.05 5.97
N ASN A 64 9.18 -2.28 7.27
CA ASN A 64 8.66 -1.38 8.29
C ASN A 64 9.52 -0.13 8.42
N LEU A 1 -11.89 -9.99 24.06
CA LEU A 1 -12.13 -9.30 22.79
C LEU A 1 -12.76 -10.24 21.78
N GLN A 2 -13.55 -9.67 20.87
CA GLN A 2 -14.21 -10.46 19.84
C GLN A 2 -15.01 -9.56 18.89
N ASP A 3 -14.60 -9.53 17.63
CA ASP A 3 -15.29 -8.71 16.64
C ASP A 3 -15.50 -9.50 15.34
N GLU A 4 -16.33 -8.96 14.46
CA GLU A 4 -16.63 -9.61 13.19
C GLU A 4 -15.51 -9.36 12.18
N VAL A 5 -14.31 -9.82 12.50
CA VAL A 5 -13.16 -9.64 11.63
C VAL A 5 -12.92 -8.17 11.31
N GLY A 6 -12.16 -7.50 12.17
CA GLY A 6 -11.87 -6.09 11.96
C GLY A 6 -11.01 -5.85 10.74
N ALA A 7 -10.33 -6.89 10.28
CA ALA A 7 -9.47 -6.78 9.11
C ALA A 7 -10.01 -7.61 7.95
N PRO A 8 -11.09 -7.12 7.32
CA PRO A 8 -11.72 -7.80 6.20
C PRO A 8 -10.86 -7.78 4.94
N PRO A 9 -11.24 -8.59 3.94
CA PRO A 9 -10.52 -8.67 2.67
C PRO A 9 -10.67 -7.41 1.83
N ALA A 10 -9.56 -6.94 1.26
CA ALA A 10 -9.57 -5.74 0.43
C ALA A 10 -8.18 -5.45 -0.13
N LEU A 11 -7.23 -5.17 0.75
CA LEU A 11 -5.86 -4.88 0.34
C LEU A 11 -5.13 -6.14 -0.08
N SER A 12 -5.74 -7.29 0.22
CA SER A 12 -5.14 -8.58 -0.13
C SER A 12 -6.13 -9.72 0.14
N ALA A 13 -6.30 -10.06 1.42
CA ALA A 13 -7.21 -11.13 1.80
C ALA A 13 -7.53 -11.06 3.29
N GLU A 14 -6.50 -11.24 4.12
CA GLU A 14 -6.67 -11.20 5.56
C GLU A 14 -5.34 -11.41 6.28
N GLU A 15 -4.28 -10.85 5.71
CA GLU A 15 -2.95 -10.97 6.28
C GLU A 15 -2.62 -9.77 7.18
N GLY A 16 -3.32 -8.66 6.93
CA GLY A 16 -3.10 -7.46 7.72
C GLY A 16 -1.65 -7.04 7.73
N VAL A 17 -1.26 -6.21 6.77
CA VAL A 17 0.11 -5.73 6.67
C VAL A 17 0.29 -4.39 7.39
N MET A 18 1.50 -4.13 7.86
CA MET A 18 1.78 -2.89 8.57
C MET A 18 3.27 -2.79 8.89
N GLU A 19 3.90 -1.69 8.47
CA GLU A 19 5.32 -1.49 8.72
C GLU A 19 5.57 -0.10 9.30
N THR A 20 5.47 0.92 8.45
CA THR A 20 5.68 2.30 8.89
C THR A 20 4.36 3.03 9.08
N ARG A 21 3.72 3.38 7.97
CA ARG A 21 2.44 4.09 8.01
C ARG A 21 1.34 3.18 8.54
N ALA A 22 0.88 2.25 7.70
CA ALA A 22 -0.17 1.33 8.09
C ALA A 22 -0.49 0.36 6.96
N GLU A 23 -1.09 0.89 5.89
CA GLU A 23 -1.46 0.07 4.73
C GLU A 23 -1.17 0.81 3.43
N CYS A 24 -0.35 0.21 2.59
CA CYS A 24 0.00 0.81 1.30
C CYS A 24 -0.29 -0.14 0.15
N ARG A 25 -0.54 0.41 -1.03
CA ARG A 25 -0.82 -0.39 -2.21
C ARG A 25 0.28 -0.25 -3.25
N GLN A 26 1.02 -1.33 -3.47
CA GLN A 26 2.11 -1.32 -4.45
C GLN A 26 2.27 -2.70 -5.09
N GLY A 27 2.15 -3.75 -4.28
CA GLY A 27 2.29 -5.10 -4.80
C GLY A 27 0.95 -5.73 -5.13
N LEU A 28 -0.07 -5.40 -4.35
CA LEU A 28 -1.41 -5.94 -4.56
C LEU A 28 -1.87 -5.69 -5.99
N LEU A 29 -1.58 -4.51 -6.51
CA LEU A 29 -1.96 -4.15 -7.87
C LEU A 29 -0.74 -3.75 -8.69
N PRO A 30 -0.87 -3.83 -10.03
CA PRO A 30 0.21 -3.49 -10.95
C PRO A 30 0.50 -1.99 -10.97
N CYS A 31 1.78 -1.64 -11.02
CA CYS A 31 2.19 -0.24 -11.05
C CYS A 31 1.64 0.46 -12.29
N LYS A 32 2.15 1.66 -12.55
CA LYS A 32 1.71 2.44 -13.70
C LYS A 32 0.27 2.87 -13.56
N ASP A 33 -0.35 3.27 -14.66
CA ASP A 33 -1.74 3.71 -14.66
C ASP A 33 -1.88 5.06 -13.97
N ASN A 34 -3.12 5.44 -13.67
CA ASN A 34 -3.39 6.72 -13.01
C ASN A 34 -2.48 6.91 -11.81
N LYS A 35 -2.61 6.03 -10.82
CA LYS A 35 -1.80 6.11 -9.61
C LYS A 35 -0.94 4.84 -9.46
N CYS A 36 0.36 4.99 -9.70
CA CYS A 36 1.27 3.85 -9.58
C CYS A 36 1.11 3.16 -8.23
N TYR A 37 1.78 3.69 -7.21
CA TYR A 37 1.71 3.12 -5.87
C TYR A 37 1.22 4.16 -4.87
N CYS A 38 0.31 3.73 -3.99
CA CYS A 38 -0.25 4.61 -2.98
C CYS A 38 0.06 4.10 -1.57
N CYS A 39 -0.05 4.98 -0.59
CA CYS A 39 0.22 4.61 0.80
C CYS A 39 -0.70 5.39 1.76
N ILE A 40 -1.51 4.65 2.50
CA ILE A 40 -2.44 5.26 3.45
C ILE A 40 -2.17 4.79 4.86
N GLY A 41 -2.06 5.73 5.80
CA GLY A 41 -1.80 5.39 7.19
C GLY A 41 -2.35 6.41 8.15
N GLY A 42 -1.51 7.37 8.55
CA GLY A 42 -1.94 8.40 9.48
C GLY A 42 -1.82 9.79 8.89
N GLY A 43 -0.65 10.41 9.07
CA GLY A 43 -0.43 11.74 8.56
C GLY A 43 0.09 11.74 7.13
N THR A 44 0.05 10.57 6.49
CA THR A 44 0.51 10.43 5.12
C THR A 44 -0.65 10.45 4.14
N ARG A 45 -1.39 9.36 4.08
CA ARG A 45 -2.53 9.25 3.18
C ARG A 45 -2.24 9.95 1.84
N GLN A 46 -1.20 9.47 1.15
CA GLN A 46 -0.83 10.04 -0.13
C GLN A 46 -0.39 8.95 -1.11
N CYS A 47 -0.35 9.29 -2.39
CA CYS A 47 0.05 8.34 -3.42
C CYS A 47 0.95 9.01 -4.47
N TYR A 48 1.74 8.20 -5.16
CA TYR A 48 2.65 8.72 -6.19
C TYR A 48 2.49 7.95 -7.49
N ALA A 49 2.36 8.68 -8.59
CA ALA A 49 2.21 8.06 -9.90
C ALA A 49 3.33 8.47 -10.84
N THR A 50 4.17 9.40 -10.38
CA THR A 50 5.30 9.88 -11.18
C THR A 50 6.34 8.79 -11.39
N LEU A 51 7.01 8.84 -12.53
CA LEU A 51 8.03 7.85 -12.85
C LEU A 51 9.08 7.77 -11.75
N ALA A 52 9.40 8.92 -11.16
CA ALA A 52 10.39 8.98 -10.08
C ALA A 52 10.02 8.02 -8.96
N GLU A 53 8.76 8.06 -8.53
CA GLU A 53 8.28 7.19 -7.46
C GLU A 53 7.84 5.85 -8.01
N CYS A 54 7.51 5.82 -9.29
CA CYS A 54 7.06 4.59 -9.94
C CYS A 54 8.26 3.71 -10.32
N ARG A 55 9.45 4.27 -10.21
CA ARG A 55 10.67 3.54 -10.55
C ARG A 55 11.60 3.46 -9.34
N HIS A 56 11.49 4.43 -8.44
CA HIS A 56 12.31 4.47 -7.24
C HIS A 56 11.51 4.04 -6.02
N ALA A 57 10.20 4.18 -6.11
CA ALA A 57 9.31 3.81 -5.01
C ALA A 57 8.24 2.82 -5.46
N CYS A 58 8.62 1.91 -6.36
CA CYS A 58 7.68 0.92 -6.88
C CYS A 58 8.37 -0.43 -7.02
N LEU A 59 9.50 -0.60 -6.33
CA LEU A 59 10.25 -1.85 -6.38
C LEU A 59 11.02 -2.07 -5.08
N PRO A 60 11.98 -1.15 -4.81
CA PRO A 60 12.81 -1.22 -3.61
C PRO A 60 12.01 -0.94 -2.34
N LEU A 61 10.80 -0.43 -2.51
CA LEU A 61 9.94 -0.12 -1.37
C LEU A 61 9.70 -1.35 -0.51
N ASN A 62 9.14 -2.39 -1.12
CA ASN A 62 8.85 -3.63 -0.41
C ASN A 62 8.33 -4.70 -1.37
N THR A 63 7.56 -4.27 -2.36
CA THR A 63 7.00 -5.19 -3.34
C THR A 63 8.09 -6.08 -3.94
N ASN A 64 7.70 -7.28 -4.34
CA ASN A 64 8.64 -8.22 -4.94
C ASN A 64 8.67 -8.09 -6.46
N LEU A 1 -9.53 -19.43 7.39
CA LEU A 1 -8.35 -18.99 6.64
C LEU A 1 -7.40 -18.20 7.54
N GLN A 2 -6.19 -17.96 7.04
CA GLN A 2 -5.18 -17.22 7.79
C GLN A 2 -5.71 -15.85 8.20
N ASP A 3 -6.00 -15.70 9.49
CA ASP A 3 -6.52 -14.43 10.02
C ASP A 3 -5.52 -13.30 9.78
N GLU A 4 -4.28 -13.52 10.18
CA GLU A 4 -3.23 -12.52 10.02
C GLU A 4 -3.55 -11.26 10.82
N VAL A 5 -2.86 -11.09 11.94
CA VAL A 5 -3.07 -9.93 12.80
C VAL A 5 -2.31 -8.71 12.28
N GLY A 6 -2.41 -7.60 13.00
CA GLY A 6 -1.73 -6.38 12.59
C GLY A 6 -2.69 -5.31 12.14
N ALA A 7 -2.79 -5.12 10.82
CA ALA A 7 -3.67 -4.12 10.26
C ALA A 7 -4.97 -4.74 9.76
N PRO A 8 -6.01 -3.92 9.60
CA PRO A 8 -7.33 -4.37 9.14
C PRO A 8 -7.30 -4.78 7.67
N PRO A 9 -8.38 -5.44 7.23
CA PRO A 9 -8.52 -5.91 5.85
C PRO A 9 -8.70 -4.76 4.87
N ALA A 10 -7.87 -4.74 3.82
CA ALA A 10 -7.95 -3.70 2.81
C ALA A 10 -7.26 -4.13 1.52
N LEU A 11 -5.93 -4.11 1.54
CA LEU A 11 -5.14 -4.50 0.36
C LEU A 11 -5.05 -6.03 0.26
N SER A 12 -5.25 -6.70 1.38
CA SER A 12 -5.19 -8.16 1.42
C SER A 12 -5.46 -8.69 2.83
N ALA A 13 -4.47 -8.54 3.71
CA ALA A 13 -4.61 -8.99 5.09
C ALA A 13 -3.40 -8.58 5.92
N GLU A 14 -2.23 -9.08 5.53
CA GLU A 14 -1.00 -8.76 6.25
C GLU A 14 0.22 -9.29 5.50
N GLU A 15 0.14 -10.54 5.05
CA GLU A 15 1.22 -11.16 4.31
C GLU A 15 2.46 -11.29 5.19
N GLY A 16 2.27 -11.15 6.50
CA GLY A 16 3.39 -11.26 7.43
C GLY A 16 3.99 -9.90 7.76
N VAL A 17 4.94 -9.47 6.94
CA VAL A 17 5.60 -8.19 7.16
C VAL A 17 4.95 -7.08 6.32
N MET A 18 4.21 -7.49 5.30
CA MET A 18 3.54 -6.54 4.43
C MET A 18 2.54 -5.69 5.21
N GLU A 19 2.49 -4.40 4.88
CA GLU A 19 1.57 -3.48 5.56
C GLU A 19 1.96 -3.33 7.03
N THR A 20 2.77 -2.32 7.32
CA THR A 20 3.21 -2.06 8.69
C THR A 20 2.81 -0.66 9.14
N ARG A 21 2.80 0.28 8.19
CA ARG A 21 2.44 1.66 8.50
C ARG A 21 1.09 1.72 9.21
N ALA A 22 0.02 1.53 8.43
CA ALA A 22 -1.33 1.56 8.99
C ALA A 22 -2.37 1.29 7.90
N GLU A 23 -2.52 2.25 7.00
CA GLU A 23 -3.49 2.12 5.91
C GLU A 23 -2.94 2.74 4.62
N CYS A 24 -2.95 1.95 3.55
CA CYS A 24 -2.46 2.41 2.26
C CYS A 24 -3.51 2.21 1.17
N ARG A 25 -3.38 2.98 0.09
CA ARG A 25 -4.33 2.89 -1.03
C ARG A 25 -3.62 2.41 -2.30
N GLN A 26 -4.02 1.24 -2.78
CA GLN A 26 -3.43 0.68 -3.98
C GLN A 26 -4.42 -0.23 -4.71
N GLY A 27 -5.05 -1.13 -3.95
CA GLY A 27 -6.01 -2.04 -4.54
C GLY A 27 -7.32 -1.35 -4.89
N LEU A 28 -7.81 -0.51 -3.99
CA LEU A 28 -9.06 0.20 -4.21
C LEU A 28 -9.04 0.92 -5.56
N LEU A 29 -7.87 1.39 -5.96
CA LEU A 29 -7.71 2.09 -7.23
C LEU A 29 -6.95 1.24 -8.23
N PRO A 30 -7.10 1.57 -9.53
CA PRO A 30 -6.43 0.85 -10.62
C PRO A 30 -4.92 1.08 -10.62
N CYS A 31 -4.48 2.13 -9.92
CA CYS A 31 -3.07 2.45 -9.85
C CYS A 31 -2.51 2.78 -11.23
N LYS A 32 -2.56 4.05 -11.59
CA LYS A 32 -2.06 4.51 -12.89
C LYS A 32 -1.62 5.96 -12.83
N ASP A 33 -2.58 6.87 -12.81
CA ASP A 33 -2.29 8.30 -12.75
C ASP A 33 -3.15 8.99 -11.71
N ASN A 34 -2.80 10.23 -11.37
CA ASN A 34 -3.55 11.00 -10.38
C ASN A 34 -3.73 10.19 -9.09
N LYS A 35 -2.77 10.31 -8.18
CA LYS A 35 -2.82 9.60 -6.92
C LYS A 35 -2.82 8.09 -7.13
N CYS A 36 -1.91 7.62 -7.96
CA CYS A 36 -1.80 6.20 -8.27
C CYS A 36 -1.78 5.37 -6.98
N TYR A 37 -0.63 5.32 -6.33
CA TYR A 37 -0.48 4.56 -5.09
C TYR A 37 -0.06 5.48 -3.95
N CYS A 38 -0.69 5.31 -2.79
CA CYS A 38 -0.39 6.11 -1.62
C CYS A 38 -0.39 5.26 -0.36
N CYS A 39 0.26 5.75 0.69
CA CYS A 39 0.33 5.04 1.96
C CYS A 39 0.37 6.01 3.14
N ILE A 40 -0.61 5.89 4.01
CA ILE A 40 -0.70 6.76 5.19
C ILE A 40 -0.64 5.95 6.48
N GLY A 41 0.23 6.37 7.40
CA GLY A 41 0.37 5.68 8.65
C GLY A 41 1.03 6.54 9.72
N GLY A 42 2.36 6.58 9.70
CA GLY A 42 3.08 7.37 10.68
C GLY A 42 4.34 7.99 10.10
N GLY A 43 5.39 7.17 9.96
CA GLY A 43 6.65 7.66 9.41
C GLY A 43 6.62 7.76 7.91
N THR A 44 5.48 7.41 7.30
CA THR A 44 5.34 7.44 5.85
C THR A 44 4.47 8.62 5.42
N ARG A 45 3.16 8.48 5.62
CA ARG A 45 2.21 9.53 5.26
C ARG A 45 2.64 10.20 3.95
N GLN A 46 2.74 9.41 2.89
CA GLN A 46 3.14 9.94 1.58
C GLN A 46 2.35 9.27 0.47
N CYS A 47 2.42 9.85 -0.72
CA CYS A 47 1.71 9.31 -1.88
C CYS A 47 2.48 9.58 -3.17
N TYR A 48 2.45 8.61 -4.09
CA TYR A 48 3.14 8.76 -5.36
C TYR A 48 2.21 8.43 -6.53
N ALA A 49 2.14 9.34 -7.49
CA ALA A 49 1.30 9.14 -8.66
C ALA A 49 2.14 8.84 -9.91
N THR A 50 3.45 8.99 -9.77
CA THR A 50 4.36 8.72 -10.88
C THR A 50 4.37 7.24 -11.26
N LEU A 51 4.50 6.97 -12.55
CA LEU A 51 4.52 5.59 -13.04
C LEU A 51 5.62 4.79 -12.38
N ALA A 52 6.76 5.44 -12.16
CA ALA A 52 7.91 4.78 -11.52
C ALA A 52 7.51 4.19 -10.17
N GLU A 53 6.80 4.98 -9.37
CA GLU A 53 6.36 4.52 -8.05
C GLU A 53 5.08 3.72 -8.15
N CYS A 54 4.34 3.93 -9.24
CA CYS A 54 3.08 3.23 -9.46
C CYS A 54 3.33 1.86 -10.07
N ARG A 55 4.56 1.62 -10.50
CA ARG A 55 4.93 0.35 -11.11
C ARG A 55 6.02 -0.36 -10.30
N HIS A 56 6.77 0.43 -9.53
CA HIS A 56 7.84 -0.12 -8.70
C HIS A 56 7.48 -0.05 -7.22
N ALA A 57 6.54 0.83 -6.89
CA ALA A 57 6.11 0.99 -5.50
C ALA A 57 4.59 0.88 -5.40
N CYS A 58 4.01 -0.03 -6.17
CA CYS A 58 2.57 -0.24 -6.16
C CYS A 58 2.22 -1.72 -6.09
N LEU A 59 2.94 -2.52 -6.88
CA LEU A 59 2.71 -3.96 -6.91
C LEU A 59 3.27 -4.62 -5.66
N PRO A 60 4.57 -4.39 -5.39
CA PRO A 60 5.26 -4.95 -4.22
C PRO A 60 4.76 -4.34 -2.91
N LEU A 61 4.72 -3.01 -2.86
CA LEU A 61 4.26 -2.31 -1.66
C LEU A 61 5.01 -2.79 -0.43
N ASN A 62 6.10 -2.11 -0.10
CA ASN A 62 6.91 -2.47 1.06
C ASN A 62 7.60 -1.23 1.64
N THR A 63 7.05 -0.06 1.35
CA THR A 63 7.62 1.19 1.85
C THR A 63 7.63 1.22 3.38
N ASN A 64 8.47 2.08 3.94
CA ASN A 64 8.58 2.21 5.39
C ASN A 64 8.45 3.67 5.82
N LEU A 1 -25.86 -4.98 -1.45
CA LEU A 1 -25.66 -5.96 -0.40
C LEU A 1 -24.25 -6.54 -0.46
N GLN A 2 -23.81 -7.16 0.63
CA GLN A 2 -22.49 -7.75 0.71
C GLN A 2 -22.27 -8.43 2.06
N ASP A 3 -21.47 -9.49 2.06
CA ASP A 3 -21.17 -10.22 3.28
C ASP A 3 -19.76 -10.78 3.26
N GLU A 4 -18.91 -10.30 4.18
CA GLU A 4 -17.53 -10.75 4.25
C GLU A 4 -16.78 -10.43 2.96
N VAL A 5 -16.72 -9.15 2.61
CA VAL A 5 -16.04 -8.71 1.40
C VAL A 5 -15.34 -7.38 1.62
N GLY A 6 -14.02 -7.44 1.81
CA GLY A 6 -13.25 -6.22 2.03
C GLY A 6 -11.77 -6.50 2.24
N ALA A 7 -11.24 -6.03 3.36
CA ALA A 7 -9.83 -6.24 3.68
C ALA A 7 -9.56 -5.97 5.15
N PRO A 8 -8.43 -6.50 5.65
CA PRO A 8 -8.02 -6.33 7.05
C PRO A 8 -7.61 -4.89 7.37
N PRO A 9 -7.47 -4.59 8.67
CA PRO A 9 -7.08 -3.25 9.12
C PRO A 9 -5.61 -2.94 8.79
N ALA A 10 -4.80 -3.98 8.70
CA ALA A 10 -3.38 -3.82 8.38
C ALA A 10 -3.15 -3.89 6.88
N LEU A 11 -4.09 -4.49 6.16
CA LEU A 11 -3.98 -4.63 4.72
C LEU A 11 -2.83 -5.57 4.35
N SER A 12 -2.31 -6.27 5.34
CA SER A 12 -1.21 -7.20 5.12
C SER A 12 -0.78 -7.85 6.44
N ALA A 13 -0.04 -7.10 7.25
CA ALA A 13 0.42 -7.60 8.53
C ALA A 13 1.27 -6.55 9.26
N GLU A 14 0.61 -5.69 10.01
CA GLU A 14 1.30 -4.63 10.75
C GLU A 14 1.49 -5.04 12.21
N GLU A 15 1.41 -6.33 12.48
CA GLU A 15 1.58 -6.85 13.83
C GLU A 15 2.86 -6.32 14.46
N GLY A 16 3.85 -6.05 13.62
CA GLY A 16 5.11 -5.54 14.11
C GLY A 16 6.19 -5.52 13.03
N VAL A 17 5.78 -5.22 11.80
CA VAL A 17 6.72 -5.17 10.68
C VAL A 17 7.09 -3.74 10.35
N MET A 18 7.81 -3.57 9.23
CA MET A 18 8.23 -2.24 8.80
C MET A 18 7.02 -1.37 8.47
N GLU A 19 6.80 -0.33 9.28
CA GLU A 19 5.68 0.57 9.07
C GLU A 19 5.66 1.67 10.13
N THR A 20 5.84 2.92 9.69
CA THR A 20 5.85 4.06 10.59
C THR A 20 4.54 4.82 10.52
N ARG A 21 3.95 4.87 9.33
CA ARG A 21 2.68 5.58 9.14
C ARG A 21 1.53 4.81 9.77
N ALA A 22 1.09 3.75 9.09
CA ALA A 22 -0.01 2.93 9.59
C ALA A 22 -0.31 1.79 8.62
N GLU A 23 -0.84 2.14 7.44
CA GLU A 23 -1.18 1.15 6.43
C GLU A 23 -1.01 1.73 5.03
N CYS A 24 -0.52 0.90 4.11
CA CYS A 24 -0.31 1.32 2.73
C CYS A 24 -1.01 0.37 1.76
N ARG A 25 -1.45 0.91 0.63
CA ARG A 25 -2.14 0.11 -0.38
C ARG A 25 -1.21 -0.20 -1.55
N GLN A 26 -1.34 -1.39 -2.11
CA GLN A 26 -0.51 -1.81 -3.23
C GLN A 26 0.95 -1.94 -2.82
N GLY A 27 1.18 -1.94 -1.51
CA GLY A 27 2.54 -2.06 -1.00
C GLY A 27 3.06 -3.48 -1.04
N LEU A 28 2.14 -4.44 -1.03
CA LEU A 28 2.50 -5.85 -1.06
C LEU A 28 2.20 -6.46 -2.42
N LEU A 29 1.46 -5.73 -3.25
CA LEU A 29 1.09 -6.20 -4.58
C LEU A 29 1.96 -5.52 -5.64
N PRO A 30 1.98 -6.11 -6.85
CA PRO A 30 2.76 -5.58 -7.98
C PRO A 30 2.18 -4.27 -8.51
N CYS A 31 3.06 -3.35 -8.87
CA CYS A 31 2.64 -2.05 -9.40
C CYS A 31 1.60 -2.24 -10.51
N LYS A 32 0.66 -1.29 -10.58
CA LYS A 32 -0.39 -1.35 -11.59
C LYS A 32 -0.47 -0.03 -12.36
N ASP A 33 -1.53 0.14 -13.14
CA ASP A 33 -1.72 1.35 -13.92
C ASP A 33 -2.23 2.48 -13.05
N ASN A 34 -3.52 2.43 -12.70
CA ASN A 34 -4.13 3.45 -11.86
C ASN A 34 -3.72 3.28 -10.40
N LYS A 35 -3.29 4.37 -9.77
CA LYS A 35 -2.87 4.33 -8.38
C LYS A 35 -1.88 3.21 -8.13
N CYS A 36 -0.67 3.35 -8.65
CA CYS A 36 0.37 2.35 -8.49
C CYS A 36 0.54 1.97 -7.03
N TYR A 37 1.29 2.80 -6.30
CA TYR A 37 1.53 2.56 -4.88
C TYR A 37 1.04 3.73 -4.03
N CYS A 38 0.36 3.42 -2.93
CA CYS A 38 -0.16 4.45 -2.04
C CYS A 38 0.09 4.08 -0.58
N CYS A 39 0.17 5.09 0.28
CA CYS A 39 0.42 4.87 1.70
C CYS A 39 -0.37 5.88 2.54
N ILE A 40 -1.14 5.36 3.50
CA ILE A 40 -1.93 6.22 4.37
C ILE A 40 -1.55 6.03 5.83
N GLY A 41 -1.31 7.13 6.53
CA GLY A 41 -0.94 7.07 7.93
C GLY A 41 -1.37 8.29 8.71
N GLY A 42 -0.45 9.22 8.90
CA GLY A 42 -0.77 10.44 9.64
C GLY A 42 -0.46 11.69 8.84
N GLY A 43 0.80 12.13 8.88
CA GLY A 43 1.19 13.32 8.16
C GLY A 43 1.54 13.03 6.72
N THR A 44 1.31 11.79 6.28
CA THR A 44 1.61 11.40 4.91
C THR A 44 0.35 11.35 4.07
N ARG A 45 -0.45 10.30 4.26
CA ARG A 45 -1.69 10.14 3.50
C ARG A 45 -1.53 10.63 2.07
N GLN A 46 -0.74 9.90 1.28
CA GLN A 46 -0.49 10.26 -0.11
C GLN A 46 -0.42 9.02 -0.98
N CYS A 47 -0.48 9.22 -2.30
CA CYS A 47 -0.43 8.12 -3.25
C CYS A 47 0.25 8.55 -4.54
N TYR A 48 1.06 7.66 -5.11
CA TYR A 48 1.77 7.95 -6.35
C TYR A 48 1.50 6.88 -7.39
N ALA A 49 1.13 7.31 -8.60
CA ALA A 49 0.85 6.39 -9.69
C ALA A 49 1.78 6.62 -10.87
N THR A 50 2.70 7.57 -10.71
CA THR A 50 3.66 7.90 -11.76
C THR A 50 4.76 6.85 -11.84
N LEU A 51 5.32 6.67 -13.03
CA LEU A 51 6.40 5.70 -13.24
C LEU A 51 7.56 5.97 -12.30
N ALA A 52 7.82 7.25 -12.04
CA ALA A 52 8.91 7.64 -11.15
C ALA A 52 8.78 6.96 -9.80
N GLU A 53 7.58 7.00 -9.23
CA GLU A 53 7.34 6.39 -7.93
C GLU A 53 7.00 4.91 -8.08
N CYS A 54 6.53 4.53 -9.26
CA CYS A 54 6.18 3.14 -9.53
C CYS A 54 7.42 2.32 -9.87
N ARG A 55 8.54 3.01 -10.07
CA ARG A 55 9.80 2.35 -10.39
C ARG A 55 10.84 2.59 -9.31
N HIS A 56 10.71 3.73 -8.62
CA HIS A 56 11.64 4.07 -7.55
C HIS A 56 11.08 3.68 -6.19
N ALA A 57 9.77 3.78 -6.04
CA ALA A 57 9.12 3.43 -4.79
C ALA A 57 7.92 2.51 -5.03
N CYS A 58 8.21 1.27 -5.40
CA CYS A 58 7.16 0.29 -5.66
C CYS A 58 7.75 -1.10 -5.85
N LEU A 59 8.91 -1.16 -6.49
CA LEU A 59 9.58 -2.44 -6.74
C LEU A 59 10.17 -3.00 -5.45
N PRO A 60 11.00 -2.20 -4.77
CA PRO A 60 11.64 -2.60 -3.51
C PRO A 60 10.64 -2.70 -2.36
N LEU A 61 9.80 -1.68 -2.22
CA LEU A 61 8.80 -1.64 -1.16
C LEU A 61 7.98 -2.93 -1.16
N ASN A 62 8.22 -3.77 -0.15
CA ASN A 62 7.50 -5.04 -0.02
C ASN A 62 7.39 -5.46 1.44
N THR A 63 8.50 -5.35 2.16
CA THR A 63 8.54 -5.73 3.56
C THR A 63 7.98 -7.13 3.77
N ASN A 64 8.85 -8.13 3.66
CA ASN A 64 8.44 -9.52 3.85
C ASN A 64 7.96 -9.77 5.27
N LEU A 1 -16.51 6.20 9.28
CA LEU A 1 -15.10 6.07 8.96
C LEU A 1 -14.87 5.08 7.83
N GLN A 2 -15.54 5.32 6.70
CA GLN A 2 -15.42 4.45 5.53
C GLN A 2 -15.91 3.04 5.86
N ASP A 3 -15.95 2.18 4.84
CA ASP A 3 -16.40 0.81 5.01
C ASP A 3 -15.25 -0.17 4.78
N GLU A 4 -14.68 -0.68 5.86
CA GLU A 4 -13.57 -1.61 5.77
C GLU A 4 -14.03 -2.93 5.14
N VAL A 5 -13.59 -3.19 3.91
CA VAL A 5 -13.95 -4.40 3.21
C VAL A 5 -12.94 -5.51 3.47
N GLY A 6 -13.20 -6.69 2.91
CA GLY A 6 -12.31 -7.82 3.10
C GLY A 6 -12.40 -8.40 4.50
N ALA A 7 -13.11 -9.52 4.62
CA ALA A 7 -13.27 -10.18 5.91
C ALA A 7 -11.92 -10.52 6.53
N PRO A 8 -11.14 -11.36 5.81
CA PRO A 8 -9.82 -11.78 6.27
C PRO A 8 -8.80 -10.65 6.23
N PRO A 9 -7.64 -10.88 6.87
CA PRO A 9 -6.56 -9.88 6.92
C PRO A 9 -5.90 -9.68 5.56
N ALA A 10 -5.01 -8.69 5.48
CA ALA A 10 -4.30 -8.39 4.24
C ALA A 10 -2.93 -7.80 4.52
N LEU A 11 -2.91 -6.59 5.06
CA LEU A 11 -1.65 -5.90 5.37
C LEU A 11 -1.16 -6.29 6.76
N SER A 12 -1.06 -7.60 7.01
CA SER A 12 -0.60 -8.10 8.30
C SER A 12 -0.16 -9.55 8.18
N ALA A 13 1.03 -9.77 7.63
CA ALA A 13 1.56 -11.11 7.47
C ALA A 13 2.34 -11.55 8.71
N GLU A 14 3.49 -10.94 8.93
CA GLU A 14 4.32 -11.26 10.09
C GLU A 14 5.55 -10.35 10.15
N GLU A 15 6.22 -10.19 9.01
CA GLU A 15 7.40 -9.35 8.92
C GLU A 15 7.67 -8.93 7.49
N GLY A 16 6.62 -8.89 6.68
CA GLY A 16 6.76 -8.50 5.29
C GLY A 16 6.86 -7.00 5.12
N VAL A 17 5.71 -6.34 4.99
CA VAL A 17 5.67 -4.89 4.83
C VAL A 17 5.16 -4.21 6.09
N MET A 18 5.17 -2.88 6.07
CA MET A 18 4.71 -2.10 7.22
C MET A 18 4.26 -0.71 6.78
N GLU A 19 3.16 -0.23 7.36
CA GLU A 19 2.64 1.08 7.04
C GLU A 19 2.60 1.99 8.27
N THR A 20 3.72 2.68 8.51
CA THR A 20 3.82 3.57 9.66
C THR A 20 2.65 4.53 9.71
N ARG A 21 2.27 5.07 8.55
CA ARG A 21 1.16 6.00 8.47
C ARG A 21 -0.08 5.44 9.15
N ALA A 22 -0.64 4.39 8.55
CA ALA A 22 -1.84 3.74 9.09
C ALA A 22 -2.25 2.54 8.25
N GLU A 23 -2.67 2.81 7.02
CA GLU A 23 -3.10 1.76 6.11
C GLU A 23 -2.72 2.10 4.67
N CYS A 24 -1.96 1.21 4.04
CA CYS A 24 -1.53 1.41 2.66
C CYS A 24 -1.90 0.21 1.79
N ARG A 25 -2.05 0.45 0.49
CA ARG A 25 -2.41 -0.61 -0.45
C ARG A 25 -1.27 -0.87 -1.43
N GLN A 26 -0.65 -2.05 -1.32
CA GLN A 26 0.45 -2.42 -2.18
C GLN A 26 0.72 -3.92 -2.11
N GLY A 27 0.65 -4.47 -0.91
CA GLY A 27 0.89 -5.89 -0.72
C GLY A 27 -0.34 -6.73 -0.99
N LEU A 28 -0.95 -6.54 -2.15
CA LEU A 28 -2.15 -7.28 -2.53
C LEU A 28 -2.33 -7.30 -4.04
N LEU A 29 -2.08 -6.16 -4.68
CA LEU A 29 -2.21 -6.04 -6.12
C LEU A 29 -0.87 -6.29 -6.81
N PRO A 30 -0.92 -6.60 -8.11
CA PRO A 30 0.28 -6.87 -8.92
C PRO A 30 1.11 -5.60 -9.16
N CYS A 31 0.55 -4.46 -8.77
CA CYS A 31 1.23 -3.18 -8.95
C CYS A 31 1.65 -2.98 -10.40
N LYS A 32 0.78 -2.36 -11.18
CA LYS A 32 1.06 -2.09 -12.59
C LYS A 32 0.52 -0.74 -13.01
N ASP A 33 -0.79 -0.65 -13.17
CA ASP A 33 -1.44 0.60 -13.57
C ASP A 33 -2.74 0.82 -12.80
N ASN A 34 -3.36 1.96 -13.01
CA ASN A 34 -4.60 2.30 -12.33
C ASN A 34 -4.46 2.12 -10.82
N LYS A 35 -4.06 3.20 -10.15
CA LYS A 35 -3.90 3.17 -8.70
C LYS A 35 -2.97 2.03 -8.27
N CYS A 36 -1.77 2.00 -8.85
CA CYS A 36 -0.79 0.97 -8.54
C CYS A 36 -0.62 0.83 -7.03
N TYR A 37 0.14 1.75 -6.43
CA TYR A 37 0.38 1.73 -5.00
C TYR A 37 -0.14 2.99 -4.34
N CYS A 38 -0.82 2.83 -3.20
CA CYS A 38 -1.37 3.96 -2.47
C CYS A 38 -1.12 3.80 -0.97
N CYS A 39 -1.16 4.92 -0.25
CA CYS A 39 -0.94 4.92 1.19
C CYS A 39 -1.78 5.99 1.88
N ILE A 40 -2.68 5.57 2.76
CA ILE A 40 -3.54 6.49 3.48
C ILE A 40 -3.33 6.38 4.99
N GLY A 41 -3.13 7.52 5.63
CA GLY A 41 -2.92 7.54 7.07
C GLY A 41 -3.18 8.90 7.68
N GLY A 42 -2.42 9.90 7.26
CA GLY A 42 -2.58 11.24 7.78
C GLY A 42 -1.51 12.19 7.30
N GLY A 43 -0.32 12.09 7.89
CA GLY A 43 0.77 12.96 7.50
C GLY A 43 1.14 12.81 6.04
N THR A 44 0.71 11.71 5.43
CA THR A 44 1.00 11.45 4.03
C THR A 44 -0.28 11.48 3.19
N ARG A 45 -1.05 10.41 3.28
CA ARG A 45 -2.30 10.31 2.54
C ARG A 45 -2.09 10.67 1.06
N GLN A 46 -1.42 9.78 0.34
CA GLN A 46 -1.15 10.00 -1.08
C GLN A 46 -1.27 8.70 -1.87
N CYS A 47 -1.33 8.82 -3.19
CA CYS A 47 -1.45 7.66 -4.06
C CYS A 47 -0.70 7.88 -5.37
N TYR A 48 -0.04 6.84 -5.86
CA TYR A 48 0.71 6.91 -7.10
C TYR A 48 0.47 5.68 -7.96
N ALA A 49 0.15 5.91 -9.23
CA ALA A 49 -0.10 4.81 -10.16
C ALA A 49 0.94 4.79 -11.28
N THR A 50 1.84 5.76 -11.27
CA THR A 50 2.88 5.86 -12.28
C THR A 50 3.93 4.78 -12.09
N LEU A 51 4.51 4.31 -13.20
CA LEU A 51 5.52 3.27 -13.16
C LEU A 51 6.68 3.67 -12.26
N ALA A 52 7.01 4.97 -12.26
CA ALA A 52 8.10 5.47 -11.45
C ALA A 52 7.90 5.12 -9.98
N GLU A 53 6.69 5.34 -9.48
CA GLU A 53 6.36 5.04 -8.08
C GLU A 53 5.96 3.57 -7.93
N CYS A 54 5.51 2.97 -9.02
CA CYS A 54 5.10 1.57 -9.00
C CYS A 54 6.31 0.64 -9.06
N ARG A 55 7.47 1.21 -9.40
CA ARG A 55 8.70 0.43 -9.49
C ARG A 55 9.70 0.88 -8.44
N HIS A 56 9.63 2.15 -8.06
CA HIS A 56 10.53 2.70 -7.05
C HIS A 56 9.89 2.68 -5.67
N ALA A 57 8.57 2.85 -5.64
CA ALA A 57 7.84 2.85 -4.38
C ALA A 57 6.70 1.84 -4.41
N CYS A 58 7.06 0.56 -4.41
CA CYS A 58 6.07 -0.52 -4.44
C CYS A 58 6.74 -1.88 -4.30
N LEU A 59 7.84 -2.07 -5.02
CA LEU A 59 8.57 -3.32 -4.99
C LEU A 59 9.41 -3.42 -3.72
N PRO A 60 10.28 -2.43 -3.50
CA PRO A 60 11.15 -2.37 -2.32
C PRO A 60 10.38 -2.11 -1.04
N LEU A 61 9.19 -1.53 -1.17
CA LEU A 61 8.35 -1.23 -0.02
C LEU A 61 8.17 -2.47 0.86
N ASN A 62 8.79 -2.44 2.04
CA ASN A 62 8.69 -3.55 2.97
C ASN A 62 9.17 -3.13 4.37
N THR A 63 10.20 -2.29 4.40
CA THR A 63 10.74 -1.81 5.67
C THR A 63 10.86 -2.95 6.68
N ASN A 64 11.05 -2.58 7.95
CA ASN A 64 11.18 -3.58 9.01
C ASN A 64 10.68 -3.02 10.34
N LEU A 1 -11.33 -28.80 8.72
CA LEU A 1 -10.85 -27.43 8.89
C LEU A 1 -9.35 -27.40 9.13
N GLN A 2 -8.72 -26.31 8.71
CA GLN A 2 -7.28 -26.15 8.88
C GLN A 2 -6.81 -24.81 8.33
N ASP A 3 -7.34 -23.73 8.88
CA ASP A 3 -6.97 -22.38 8.45
C ASP A 3 -7.02 -21.40 9.61
N GLU A 4 -5.85 -20.95 10.03
CA GLU A 4 -5.75 -20.00 11.14
C GLU A 4 -6.59 -18.76 10.86
N VAL A 5 -6.98 -18.07 11.93
CA VAL A 5 -7.79 -16.86 11.81
C VAL A 5 -6.91 -15.61 11.80
N GLY A 6 -6.78 -15.00 10.63
CA GLY A 6 -5.97 -13.80 10.50
C GLY A 6 -6.72 -12.55 10.91
N ALA A 7 -7.37 -11.90 9.94
CA ALA A 7 -8.13 -10.68 10.21
C ALA A 7 -8.85 -10.21 8.96
N PRO A 8 -9.88 -9.37 9.15
CA PRO A 8 -10.69 -8.82 8.06
C PRO A 8 -9.90 -7.82 7.20
N PRO A 9 -10.46 -7.47 6.05
CA PRO A 9 -9.83 -6.53 5.11
C PRO A 9 -9.83 -5.10 5.66
N ALA A 10 -8.64 -4.52 5.77
CA ALA A 10 -8.49 -3.16 6.27
C ALA A 10 -8.61 -2.14 5.14
N LEU A 11 -7.65 -2.18 4.22
CA LEU A 11 -7.63 -1.26 3.09
C LEU A 11 -8.74 -1.61 2.10
N SER A 12 -8.53 -2.66 1.33
CA SER A 12 -9.51 -3.10 0.35
C SER A 12 -9.52 -4.62 0.21
N ALA A 13 -8.50 -5.16 -0.45
CA ALA A 13 -8.39 -6.60 -0.64
C ALA A 13 -7.11 -6.95 -1.39
N GLU A 14 -5.99 -6.97 -0.67
CA GLU A 14 -4.70 -7.28 -1.27
C GLU A 14 -4.29 -8.72 -0.93
N GLU A 15 -4.94 -9.29 0.07
CA GLU A 15 -4.64 -10.65 0.48
C GLU A 15 -3.21 -10.77 1.01
N GLY A 16 -2.69 -9.66 1.51
CA GLY A 16 -1.33 -9.65 2.03
C GLY A 16 -0.74 -8.25 2.09
N VAL A 17 -1.00 -7.55 3.19
CA VAL A 17 -0.48 -6.20 3.37
C VAL A 17 0.48 -6.13 4.55
N MET A 18 1.29 -5.07 4.58
CA MET A 18 2.26 -4.88 5.65
C MET A 18 2.91 -3.50 5.56
N GLU A 19 2.59 -2.65 6.53
CA GLU A 19 3.15 -1.30 6.55
C GLU A 19 3.79 -1.00 7.90
N THR A 20 5.10 -1.24 7.99
CA THR A 20 5.83 -0.99 9.23
C THR A 20 5.55 0.40 9.78
N ARG A 21 5.51 1.38 8.88
CA ARG A 21 5.26 2.76 9.27
C ARG A 21 4.00 2.85 10.13
N ALA A 22 2.84 2.68 9.49
CA ALA A 22 1.57 2.75 10.21
C ALA A 22 0.40 2.47 9.26
N GLU A 23 0.19 3.37 8.31
CA GLU A 23 -0.90 3.23 7.35
C GLU A 23 -0.41 3.53 5.93
N CYS A 24 -0.88 2.74 4.97
CA CYS A 24 -0.50 2.92 3.58
C CYS A 24 -1.70 2.73 2.65
N ARG A 25 -1.77 3.55 1.61
CA ARG A 25 -2.86 3.48 0.66
C ARG A 25 -2.33 3.31 -0.77
N GLN A 26 -2.84 2.30 -1.47
CA GLN A 26 -2.43 2.03 -2.84
C GLN A 26 -3.36 1.04 -3.51
N GLY A 27 -3.71 -0.02 -2.78
CA GLY A 27 -4.60 -1.03 -3.33
C GLY A 27 -6.02 -0.55 -3.45
N LEU A 28 -6.32 0.11 -4.56
CA LEU A 28 -7.67 0.62 -4.81
C LEU A 28 -7.75 1.30 -6.17
N LEU A 29 -6.67 1.95 -6.57
CA LEU A 29 -6.61 2.65 -7.85
C LEU A 29 -5.72 1.90 -8.84
N PRO A 30 -5.95 2.13 -10.14
CA PRO A 30 -5.17 1.48 -11.20
C PRO A 30 -3.74 2.00 -11.27
N CYS A 31 -3.45 3.03 -10.48
CA CYS A 31 -2.11 3.62 -10.45
C CYS A 31 -1.76 4.24 -11.80
N LYS A 32 -2.50 5.27 -12.18
CA LYS A 32 -2.26 5.95 -13.45
C LYS A 32 -3.04 7.26 -13.52
N ASP A 33 -3.26 7.88 -12.36
CA ASP A 33 -3.99 9.14 -12.28
C ASP A 33 -4.09 9.63 -10.84
N ASN A 34 -3.96 10.94 -10.67
CA ASN A 34 -4.03 11.54 -9.33
C ASN A 34 -3.08 10.84 -8.37
N LYS A 35 -3.25 11.11 -7.08
CA LYS A 35 -2.40 10.50 -6.06
C LYS A 35 -2.33 8.99 -6.24
N CYS A 36 -1.22 8.52 -6.80
CA CYS A 36 -1.02 7.10 -7.03
C CYS A 36 -0.99 6.33 -5.71
N TYR A 37 0.19 6.27 -5.10
CA TYR A 37 0.36 5.56 -3.83
C TYR A 37 0.90 6.50 -2.76
N CYS A 38 0.33 6.42 -1.56
CA CYS A 38 0.75 7.26 -0.46
C CYS A 38 0.83 6.46 0.84
N CYS A 39 1.81 6.79 1.67
CA CYS A 39 1.99 6.09 2.95
C CYS A 39 2.14 7.09 4.09
N ILE A 40 1.22 7.02 5.05
CA ILE A 40 1.24 7.92 6.20
C ILE A 40 1.32 7.13 7.51
N GLY A 41 2.25 7.55 8.38
CA GLY A 41 2.42 6.86 9.65
C GLY A 41 3.06 7.75 10.69
N GLY A 42 4.03 8.56 10.28
CA GLY A 42 4.71 9.45 11.20
C GLY A 42 6.08 9.86 10.70
N GLY A 43 7.05 8.97 10.79
CA GLY A 43 8.39 9.27 10.34
C GLY A 43 8.50 9.37 8.83
N THR A 44 7.49 8.83 8.13
CA THR A 44 7.47 8.86 6.68
C THR A 44 6.52 9.93 6.16
N ARG A 45 5.22 9.71 6.39
CA ARG A 45 4.21 10.66 5.94
C ARG A 45 4.58 11.26 4.59
N GLN A 46 4.53 10.43 3.55
CA GLN A 46 4.86 10.87 2.20
C GLN A 46 3.93 10.24 1.18
N CYS A 47 3.86 10.84 0.00
CA CYS A 47 3.01 10.34 -1.07
C CYS A 47 3.60 10.64 -2.44
N TYR A 48 3.40 9.74 -3.39
CA TYR A 48 3.92 9.91 -4.74
C TYR A 48 2.85 9.62 -5.77
N ALA A 49 2.69 10.54 -6.73
CA ALA A 49 1.70 10.39 -7.78
C ALA A 49 2.35 10.44 -9.16
N THR A 50 3.68 10.62 -9.18
CA THR A 50 4.42 10.69 -10.43
C THR A 50 4.61 9.29 -11.02
N LEU A 51 4.65 9.23 -12.36
CA LEU A 51 4.83 7.97 -13.06
C LEU A 51 6.06 7.23 -12.53
N ALA A 52 7.09 7.98 -12.18
CA ALA A 52 8.33 7.40 -11.66
C ALA A 52 8.05 6.51 -10.45
N GLU A 53 7.26 7.03 -9.52
CA GLU A 53 6.92 6.28 -8.31
C GLU A 53 5.71 5.38 -8.55
N CYS A 54 4.91 5.73 -9.55
CA CYS A 54 3.72 4.95 -9.89
C CYS A 54 4.10 3.71 -10.69
N ARG A 55 5.33 3.68 -11.20
CA ARG A 55 5.80 2.56 -11.98
C ARG A 55 6.95 1.84 -11.27
N HIS A 56 7.70 2.58 -10.47
CA HIS A 56 8.83 2.02 -9.73
C HIS A 56 8.40 1.63 -8.32
N ALA A 57 7.53 2.43 -7.72
CA ALA A 57 7.04 2.17 -6.37
C ALA A 57 5.52 2.08 -6.34
N CYS A 58 4.98 1.02 -6.93
CA CYS A 58 3.54 0.82 -6.98
C CYS A 58 3.20 -0.62 -7.31
N LEU A 59 3.95 -1.20 -8.23
CA LEU A 59 3.73 -2.59 -8.64
C LEU A 59 4.43 -3.55 -7.70
N PRO A 60 5.77 -3.39 -7.58
CA PRO A 60 6.59 -4.25 -6.71
C PRO A 60 6.33 -3.98 -5.23
N LEU A 61 5.74 -2.84 -4.94
CA LEU A 61 5.44 -2.46 -3.56
C LEU A 61 4.69 -3.59 -2.84
N ASN A 62 5.41 -4.30 -1.98
CA ASN A 62 4.83 -5.41 -1.23
C ASN A 62 5.67 -5.73 0.00
N THR A 63 6.42 -4.75 0.48
CA THR A 63 7.28 -4.94 1.64
C THR A 63 6.52 -4.64 2.93
N ASN A 64 7.16 -4.91 4.06
CA ASN A 64 6.55 -4.67 5.37
C ASN A 64 7.12 -3.41 6.01
N LEU A 1 -18.61 -9.46 6.41
CA LEU A 1 -19.91 -9.51 5.75
C LEU A 1 -19.80 -10.15 4.38
N GLN A 2 -20.89 -10.77 3.93
CA GLN A 2 -20.92 -11.43 2.63
C GLN A 2 -20.47 -10.48 1.53
N ASP A 3 -19.28 -10.71 0.99
CA ASP A 3 -18.74 -9.88 -0.08
C ASP A 3 -19.21 -10.35 -1.44
N GLU A 4 -19.66 -9.42 -2.27
CA GLU A 4 -20.15 -9.76 -3.61
C GLU A 4 -18.98 -10.07 -4.54
N VAL A 5 -18.49 -11.30 -4.46
CA VAL A 5 -17.38 -11.73 -5.30
C VAL A 5 -16.21 -10.76 -5.20
N GLY A 6 -15.41 -10.91 -4.15
CA GLY A 6 -14.26 -10.04 -3.96
C GLY A 6 -13.00 -10.79 -3.61
N ALA A 7 -12.31 -10.35 -2.56
CA ALA A 7 -11.09 -11.00 -2.12
C ALA A 7 -10.91 -10.86 -0.61
N PRO A 8 -10.06 -11.74 -0.04
CA PRO A 8 -9.78 -11.74 1.41
C PRO A 8 -8.97 -10.52 1.83
N PRO A 9 -8.89 -10.30 3.15
CA PRO A 9 -8.14 -9.17 3.72
C PRO A 9 -6.64 -9.33 3.56
N ALA A 10 -5.93 -8.20 3.51
CA ALA A 10 -4.48 -8.22 3.36
C ALA A 10 -3.85 -6.99 3.99
N LEU A 11 -4.42 -5.81 3.71
CA LEU A 11 -3.91 -4.56 4.25
C LEU A 11 -4.17 -4.47 5.76
N SER A 12 -5.01 -5.38 6.26
CA SER A 12 -5.35 -5.41 7.68
C SER A 12 -4.89 -6.72 8.31
N ALA A 13 -3.81 -7.28 7.80
CA ALA A 13 -3.26 -8.52 8.33
C ALA A 13 -2.31 -8.27 9.49
N GLU A 14 -1.13 -7.73 9.18
CA GLU A 14 -0.13 -7.44 10.20
C GLU A 14 1.11 -6.83 9.57
N GLU A 15 0.91 -6.00 8.55
CA GLU A 15 2.02 -5.34 7.87
C GLU A 15 2.07 -3.86 8.21
N GLY A 16 1.53 -3.51 9.37
CA GLY A 16 1.53 -2.12 9.79
C GLY A 16 2.42 -1.87 10.99
N VAL A 17 3.73 -1.83 10.74
CA VAL A 17 4.70 -1.60 11.81
C VAL A 17 5.15 -0.14 11.83
N MET A 18 6.10 0.17 12.72
CA MET A 18 6.61 1.52 12.84
C MET A 18 7.74 1.77 11.83
N GLU A 19 7.46 1.51 10.56
CA GLU A 19 8.45 1.70 9.51
C GLU A 19 8.99 3.11 9.53
N THR A 20 8.16 4.07 9.12
CA THR A 20 8.56 5.47 9.09
C THR A 20 7.35 6.39 9.27
N ARG A 21 6.54 6.50 8.21
CA ARG A 21 5.34 7.34 8.26
C ARG A 21 4.33 6.80 9.27
N ALA A 22 3.65 5.73 8.89
CA ALA A 22 2.65 5.11 9.76
C ALA A 22 2.05 3.87 9.11
N GLU A 23 1.30 4.07 8.03
CA GLU A 23 0.67 2.97 7.33
C GLU A 23 0.68 3.21 5.82
N CYS A 24 0.94 2.16 5.06
CA CYS A 24 0.99 2.24 3.61
C CYS A 24 0.06 1.21 2.97
N ARG A 25 -0.59 1.61 1.88
CA ARG A 25 -1.51 0.71 1.18
C ARG A 25 -1.12 0.60 -0.29
N GLN A 26 -1.38 -0.57 -0.87
CA GLN A 26 -1.06 -0.82 -2.27
C GLN A 26 0.43 -0.70 -2.52
N GLY A 27 1.22 -0.95 -1.48
CA GLY A 27 2.66 -0.86 -1.59
C GLY A 27 3.36 -2.08 -1.02
N LEU A 28 2.67 -3.21 -1.01
CA LEU A 28 3.23 -4.45 -0.49
C LEU A 28 3.28 -5.53 -1.57
N LEU A 29 2.63 -5.25 -2.71
CA LEU A 29 2.60 -6.19 -3.82
C LEU A 29 1.85 -5.60 -5.00
N PRO A 30 0.57 -5.26 -4.78
CA PRO A 30 -0.29 -4.68 -5.83
C PRO A 30 0.13 -3.26 -6.20
N CYS A 31 0.15 -2.97 -7.50
CA CYS A 31 0.53 -1.65 -7.98
C CYS A 31 0.18 -1.50 -9.46
N LYS A 32 -0.91 -0.78 -9.73
CA LYS A 32 -1.36 -0.55 -11.09
C LYS A 32 -1.74 0.91 -11.31
N ASP A 33 -2.36 1.19 -12.45
CA ASP A 33 -2.77 2.56 -12.77
C ASP A 33 -3.83 3.04 -11.79
N ASN A 34 -4.08 4.36 -11.79
CA ASN A 34 -5.07 4.94 -10.89
C ASN A 34 -4.72 4.66 -9.44
N LYS A 35 -4.08 5.61 -8.79
CA LYS A 35 -3.69 5.47 -7.39
C LYS A 35 -2.93 4.16 -7.17
N CYS A 36 -1.80 4.02 -7.87
CA CYS A 36 -0.98 2.82 -7.74
C CYS A 36 -0.70 2.50 -6.27
N TYR A 37 0.24 3.24 -5.69
CA TYR A 37 0.60 3.04 -4.29
C TYR A 37 0.35 4.30 -3.47
N CYS A 38 -0.24 4.12 -2.29
CA CYS A 38 -0.55 5.24 -1.41
C CYS A 38 -0.01 4.99 -0.01
N CYS A 39 0.38 6.06 0.67
CA CYS A 39 0.91 5.96 2.02
C CYS A 39 0.30 7.02 2.93
N ILE A 40 -0.36 6.58 3.99
CA ILE A 40 -0.99 7.49 4.95
C ILE A 40 -0.29 7.45 6.30
N GLY A 41 0.04 8.62 6.82
CA GLY A 41 0.71 8.70 8.10
C GLY A 41 0.54 10.05 8.77
N GLY A 42 1.50 10.94 8.55
CA GLY A 42 1.45 12.26 9.15
C GLY A 42 2.14 13.31 8.30
N GLY A 43 3.45 13.42 8.46
CA GLY A 43 4.22 14.40 7.70
C GLY A 43 4.27 14.06 6.22
N THR A 44 3.83 12.85 5.87
CA THR A 44 3.84 12.41 4.49
C THR A 44 2.43 12.35 3.93
N ARG A 45 1.68 11.32 4.32
CA ARG A 45 0.31 11.15 3.86
C ARG A 45 0.17 11.56 2.40
N GLN A 46 0.73 10.75 1.51
CA GLN A 46 0.68 11.05 0.07
C GLN A 46 0.47 9.76 -0.73
N CYS A 47 0.14 9.92 -2.00
CA CYS A 47 -0.08 8.77 -2.88
C CYS A 47 0.44 9.06 -4.29
N TYR A 48 1.05 8.05 -4.91
CA TYR A 48 1.60 8.19 -6.25
C TYR A 48 1.06 7.10 -7.17
N ALA A 49 0.73 7.48 -8.39
CA ALA A 49 0.21 6.53 -9.37
C ALA A 49 1.12 6.46 -10.59
N THR A 50 2.21 7.21 -10.56
CA THR A 50 3.16 7.23 -11.67
C THR A 50 4.06 6.00 -11.64
N LEU A 51 4.43 5.51 -12.83
CA LEU A 51 5.29 4.34 -12.94
C LEU A 51 6.56 4.53 -12.12
N ALA A 52 7.10 5.74 -12.14
CA ALA A 52 8.32 6.04 -11.40
C ALA A 52 8.17 5.69 -9.92
N GLU A 53 7.04 6.07 -9.34
CA GLU A 53 6.78 5.79 -7.92
C GLU A 53 6.25 4.38 -7.75
N CYS A 54 5.69 3.82 -8.82
CA CYS A 54 5.13 2.47 -8.78
C CYS A 54 6.23 1.43 -8.94
N ARG A 55 7.40 1.87 -9.40
CA ARG A 55 8.53 0.98 -9.61
C ARG A 55 9.66 1.30 -8.63
N HIS A 56 9.71 2.55 -8.19
CA HIS A 56 10.74 2.99 -7.24
C HIS A 56 10.18 3.04 -5.83
N ALA A 57 8.89 3.32 -5.71
CA ALA A 57 8.24 3.41 -4.41
C ALA A 57 7.05 2.46 -4.32
N CYS A 58 7.33 1.16 -4.40
CA CYS A 58 6.29 0.14 -4.32
C CYS A 58 6.90 -1.25 -4.29
N LEU A 59 7.87 -1.49 -5.17
CA LEU A 59 8.53 -2.79 -5.24
C LEU A 59 9.52 -2.96 -4.09
N PRO A 60 10.46 -2.02 -3.96
CA PRO A 60 11.46 -2.04 -2.90
C PRO A 60 10.87 -1.77 -1.52
N LEU A 61 9.62 -1.34 -1.50
CA LEU A 61 8.93 -1.04 -0.24
C LEU A 61 8.01 -2.19 0.15
N ASN A 62 8.28 -2.80 1.30
CA ASN A 62 7.47 -3.90 1.79
C ASN A 62 7.32 -3.84 3.32
N THR A 63 8.41 -4.11 4.01
CA THR A 63 8.42 -4.08 5.47
C THR A 63 7.43 -5.11 6.03
N ASN A 64 7.94 -6.27 6.42
CA ASN A 64 7.10 -7.32 6.98
C ASN A 64 7.14 -7.29 8.50
N LEU A 1 -16.06 -13.64 13.66
CA LEU A 1 -14.67 -13.20 13.69
C LEU A 1 -14.59 -11.68 13.65
N GLN A 2 -13.38 -11.15 13.84
CA GLN A 2 -13.17 -9.71 13.82
C GLN A 2 -11.69 -9.38 14.02
N ASP A 3 -10.96 -9.31 12.92
CA ASP A 3 -9.53 -9.00 12.97
C ASP A 3 -9.05 -8.44 11.64
N GLU A 4 -9.83 -7.53 11.06
CA GLU A 4 -9.48 -6.92 9.78
C GLU A 4 -10.31 -5.65 9.54
N VAL A 5 -9.72 -4.69 8.86
CA VAL A 5 -10.38 -3.43 8.57
C VAL A 5 -9.97 -2.89 7.20
N GLY A 6 -10.95 -2.70 6.33
CA GLY A 6 -10.68 -2.20 4.99
C GLY A 6 -11.71 -2.64 3.97
N ALA A 7 -11.34 -3.61 3.15
CA ALA A 7 -12.23 -4.12 2.12
C ALA A 7 -11.57 -5.24 1.32
N PRO A 8 -10.46 -4.91 0.64
CA PRO A 8 -9.72 -5.87 -0.18
C PRO A 8 -9.01 -6.92 0.67
N PRO A 9 -8.51 -7.98 0.01
CA PRO A 9 -7.80 -9.07 0.68
C PRO A 9 -6.43 -8.63 1.21
N ALA A 10 -5.79 -7.72 0.48
CA ALA A 10 -4.47 -7.23 0.86
C ALA A 10 -4.51 -6.65 2.27
N LEU A 11 -5.36 -5.66 2.50
CA LEU A 11 -5.48 -5.03 3.81
C LEU A 11 -6.46 -5.80 4.69
N SER A 12 -6.23 -7.11 4.82
CA SER A 12 -7.09 -7.95 5.64
C SER A 12 -6.52 -9.36 5.76
N ALA A 13 -5.20 -9.43 5.89
CA ALA A 13 -4.52 -10.72 6.02
C ALA A 13 -3.10 -10.54 6.53
N GLU A 14 -2.21 -10.08 5.67
CA GLU A 14 -0.81 -9.86 6.04
C GLU A 14 -0.04 -9.18 4.91
N GLU A 15 -0.75 -8.34 4.15
CA GLU A 15 -0.13 -7.63 3.04
C GLU A 15 0.05 -6.14 3.37
N GLY A 16 -0.74 -5.66 4.32
CA GLY A 16 -0.66 -4.27 4.72
C GLY A 16 0.63 -3.95 5.46
N VAL A 17 1.15 -4.93 6.18
CA VAL A 17 2.38 -4.75 6.94
C VAL A 17 2.39 -3.42 7.67
N MET A 18 3.56 -3.00 8.14
CA MET A 18 3.71 -1.74 8.85
C MET A 18 5.12 -1.21 8.73
N GLU A 19 5.39 -0.47 7.66
CA GLU A 19 6.72 0.09 7.43
C GLU A 19 7.13 1.00 8.59
N THR A 20 6.45 2.12 8.74
CA THR A 20 6.74 3.07 9.81
C THR A 20 5.54 3.97 10.08
N ARG A 21 4.87 4.41 9.03
CA ARG A 21 3.71 5.27 9.16
C ARG A 21 2.58 4.56 9.91
N ALA A 22 1.92 3.63 9.23
CA ALA A 22 0.83 2.88 9.83
C ALA A 22 0.31 1.80 8.88
N GLU A 23 -0.29 2.23 7.77
CA GLU A 23 -0.83 1.30 6.78
C GLU A 23 -0.51 1.79 5.36
N CYS A 24 -0.19 0.84 4.49
CA CYS A 24 0.12 1.16 3.10
C CYS A 24 -0.74 0.34 2.14
N ARG A 25 -1.15 0.97 1.05
CA ARG A 25 -1.98 0.30 0.05
C ARG A 25 -1.32 0.34 -1.33
N GLN A 26 -1.19 -0.82 -1.95
CA GLN A 26 -0.58 -0.92 -3.26
C GLN A 26 -0.55 -2.37 -3.75
N GLY A 27 -1.59 -3.12 -3.40
CA GLY A 27 -1.67 -4.50 -3.80
C GLY A 27 -3.01 -4.85 -4.43
N LEU A 28 -4.09 -4.40 -3.80
CA LEU A 28 -5.43 -4.66 -4.30
C LEU A 28 -5.55 -4.27 -5.78
N LEU A 29 -4.78 -3.26 -6.18
CA LEU A 29 -4.80 -2.79 -7.56
C LEU A 29 -3.42 -2.93 -8.20
N PRO A 30 -3.39 -2.93 -9.54
CA PRO A 30 -2.14 -3.05 -10.30
C PRO A 30 -1.27 -1.81 -10.18
N CYS A 31 -0.16 -1.95 -9.46
CA CYS A 31 0.78 -0.84 -9.26
C CYS A 31 1.34 -0.37 -10.59
N LYS A 32 0.74 0.68 -11.16
CA LYS A 32 1.18 1.23 -12.43
C LYS A 32 0.89 2.72 -12.50
N ASP A 33 -0.37 3.07 -12.73
CA ASP A 33 -0.77 4.47 -12.81
C ASP A 33 -2.09 4.70 -12.08
N ASN A 34 -2.48 5.96 -11.96
CA ASN A 34 -3.72 6.32 -11.28
C ASN A 34 -3.79 5.68 -9.90
N LYS A 35 -3.26 6.38 -8.90
CA LYS A 35 -3.26 5.88 -7.53
C LYS A 35 -2.49 4.57 -7.43
N CYS A 36 -1.33 4.52 -8.09
CA CYS A 36 -0.50 3.32 -8.07
C CYS A 36 -0.29 2.83 -6.64
N TYR A 37 0.63 3.47 -5.94
CA TYR A 37 0.94 3.09 -4.56
C TYR A 37 0.68 4.26 -3.61
N CYS A 38 0.03 3.96 -2.48
CA CYS A 38 -0.28 4.98 -1.49
C CYS A 38 0.04 4.48 -0.08
N CYS A 39 0.33 5.41 0.82
CA CYS A 39 0.65 5.07 2.19
C CYS A 39 0.02 6.07 3.16
N ILE A 40 -0.85 5.58 4.03
CA ILE A 40 -1.52 6.42 5.01
C ILE A 40 -1.22 5.96 6.43
N GLY A 41 -0.82 6.91 7.29
CA GLY A 41 -0.50 6.59 8.66
C GLY A 41 -0.37 7.82 9.53
N GLY A 42 0.86 8.29 9.71
CA GLY A 42 1.09 9.46 10.53
C GLY A 42 2.27 10.29 10.04
N GLY A 43 2.07 11.59 9.91
CA GLY A 43 3.12 12.46 9.45
C GLY A 43 3.48 12.24 7.99
N THR A 44 2.66 11.44 7.32
CA THR A 44 2.89 11.14 5.91
C THR A 44 1.61 11.30 5.09
N ARG A 45 0.74 10.29 5.15
CA ARG A 45 -0.52 10.32 4.42
C ARG A 45 -0.32 10.90 3.02
N GLN A 46 0.32 10.12 2.15
CA GLN A 46 0.57 10.55 0.78
C GLN A 46 0.41 9.38 -0.19
N CYS A 47 0.23 9.70 -1.46
CA CYS A 47 0.06 8.68 -2.50
C CYS A 47 0.76 9.09 -3.79
N TYR A 48 1.39 8.12 -4.44
CA TYR A 48 2.11 8.38 -5.68
C TYR A 48 1.62 7.46 -6.79
N ALA A 49 1.32 8.04 -7.95
CA ALA A 49 0.85 7.27 -9.09
C ALA A 49 1.90 7.22 -10.20
N THR A 50 2.99 7.94 -9.99
CA THR A 50 4.08 7.98 -10.97
C THR A 50 4.84 6.65 -11.00
N LEU A 51 5.30 6.26 -12.19
CA LEU A 51 6.04 5.02 -12.35
C LEU A 51 7.28 5.00 -11.46
N ALA A 52 7.91 6.16 -11.31
CA ALA A 52 9.10 6.28 -10.48
C ALA A 52 8.84 5.76 -9.07
N GLU A 53 7.72 6.17 -8.49
CA GLU A 53 7.36 5.75 -7.14
C GLU A 53 6.71 4.37 -7.16
N CYS A 54 6.17 3.99 -8.30
CA CYS A 54 5.51 2.70 -8.46
C CYS A 54 6.55 1.61 -8.73
N ARG A 55 7.77 2.02 -9.05
CA ARG A 55 8.84 1.07 -9.33
C ARG A 55 9.94 1.15 -8.28
N HIS A 56 10.03 2.31 -7.63
CA HIS A 56 11.05 2.53 -6.60
C HIS A 56 10.42 2.43 -5.21
N ALA A 57 9.15 2.77 -5.12
CA ALA A 57 8.44 2.72 -3.84
C ALA A 57 7.11 1.97 -3.97
N CYS A 58 7.19 0.66 -4.18
CA CYS A 58 6.00 -0.16 -4.33
C CYS A 58 6.36 -1.64 -4.35
N LEU A 59 7.44 -1.98 -5.06
CA LEU A 59 7.89 -3.36 -5.15
C LEU A 59 8.66 -3.77 -3.90
N PRO A 60 9.72 -3.01 -3.58
CA PRO A 60 10.56 -3.26 -2.41
C PRO A 60 9.83 -2.96 -1.10
N LEU A 61 8.65 -2.36 -1.21
CA LEU A 61 7.86 -2.03 -0.03
C LEU A 61 7.53 -3.27 0.78
N ASN A 62 6.95 -4.27 0.12
CA ASN A 62 6.58 -5.52 0.78
C ASN A 62 6.10 -6.55 -0.23
N THR A 63 5.38 -6.08 -1.24
CA THR A 63 4.85 -6.96 -2.28
C THR A 63 5.97 -7.74 -2.95
N ASN A 64 7.19 -7.21 -2.89
CA ASN A 64 8.34 -7.88 -3.49
C ASN A 64 8.08 -8.19 -4.96
N LEU A 1 8.03 -11.50 17.53
CA LEU A 1 7.22 -11.40 16.32
C LEU A 1 5.74 -11.19 16.66
N GLN A 2 5.47 -10.10 17.37
CA GLN A 2 4.09 -9.78 17.76
C GLN A 2 3.18 -9.71 16.54
N ASP A 3 2.18 -10.59 16.51
CA ASP A 3 1.23 -10.64 15.40
C ASP A 3 -0.04 -9.87 15.75
N GLU A 4 -0.81 -9.51 14.72
CA GLU A 4 -2.05 -8.77 14.92
C GLU A 4 -1.80 -7.50 15.73
N VAL A 5 -1.53 -6.41 15.03
CA VAL A 5 -1.27 -5.13 15.68
C VAL A 5 -1.76 -3.97 14.81
N GLY A 6 -3.08 -3.76 14.80
CA GLY A 6 -3.66 -2.69 14.03
C GLY A 6 -4.91 -3.12 13.27
N ALA A 7 -4.81 -3.18 11.94
CA ALA A 7 -5.93 -3.59 11.11
C ALA A 7 -5.47 -4.00 9.72
N PRO A 8 -6.31 -4.76 9.02
CA PRO A 8 -6.02 -5.25 7.67
C PRO A 8 -6.00 -4.12 6.64
N PRO A 9 -5.49 -4.42 5.44
CA PRO A 9 -5.41 -3.44 4.34
C PRO A 9 -6.79 -3.10 3.78
N ALA A 10 -7.78 -3.94 4.08
CA ALA A 10 -9.13 -3.72 3.61
C ALA A 10 -9.20 -3.77 2.08
N LEU A 11 -8.26 -4.49 1.49
CA LEU A 11 -8.21 -4.63 0.03
C LEU A 11 -7.25 -5.75 -0.38
N SER A 12 -7.10 -6.74 0.49
CA SER A 12 -6.22 -7.86 0.23
C SER A 12 -6.52 -9.03 1.16
N ALA A 13 -6.10 -8.89 2.42
CA ALA A 13 -6.33 -9.93 3.40
C ALA A 13 -5.97 -9.45 4.80
N GLU A 14 -4.68 -9.37 5.09
CA GLU A 14 -4.21 -8.92 6.39
C GLU A 14 -2.68 -8.90 6.45
N GLU A 15 -2.08 -10.06 6.23
CA GLU A 15 -0.63 -10.19 6.25
C GLU A 15 -0.07 -9.86 7.63
N GLY A 16 -0.90 -10.04 8.66
CA GLY A 16 -0.47 -9.76 10.01
C GLY A 16 0.10 -8.36 10.16
N VAL A 17 -0.37 -7.44 9.32
CA VAL A 17 0.11 -6.06 9.35
C VAL A 17 1.62 -6.00 9.53
N MET A 18 2.12 -4.82 9.89
CA MET A 18 3.55 -4.63 10.09
C MET A 18 4.34 -5.09 8.87
N GLU A 19 4.11 -4.43 7.73
CA GLU A 19 4.80 -4.78 6.50
C GLU A 19 5.66 -3.62 6.02
N THR A 20 5.27 -2.40 6.38
CA THR A 20 6.00 -1.21 5.98
C THR A 20 5.38 0.05 6.58
N ARG A 21 4.06 0.07 6.66
CA ARG A 21 3.34 1.21 7.22
C ARG A 21 2.10 0.76 7.98
N ALA A 22 1.07 0.36 7.24
CA ALA A 22 -0.17 -0.10 7.86
C ALA A 22 -1.18 -0.52 6.79
N GLU A 23 -1.65 0.45 6.00
CA GLU A 23 -2.61 0.18 4.95
C GLU A 23 -2.32 1.01 3.71
N CYS A 24 -2.12 0.33 2.58
CA CYS A 24 -1.83 1.01 1.33
C CYS A 24 -2.81 0.58 0.24
N ARG A 25 -3.02 1.46 -0.74
CA ARG A 25 -3.93 1.17 -1.84
C ARG A 25 -3.17 0.76 -3.09
N GLN A 26 -3.33 -0.50 -3.49
CA GLN A 26 -2.66 -1.02 -4.67
C GLN A 26 -3.31 -2.31 -5.15
N GLY A 27 -4.61 -2.26 -5.39
CA GLY A 27 -5.33 -3.44 -5.84
C GLY A 27 -6.81 -3.17 -6.07
N LEU A 28 -7.39 -2.32 -5.24
CA LEU A 28 -8.81 -1.98 -5.35
C LEU A 28 -9.06 -1.11 -6.58
N LEU A 29 -8.09 -0.25 -6.89
CA LEU A 29 -8.20 0.64 -8.04
C LEU A 29 -7.08 0.38 -9.04
N PRO A 30 -7.30 0.79 -10.30
CA PRO A 30 -6.31 0.61 -11.37
C PRO A 30 -5.10 1.51 -11.19
N CYS A 31 -3.91 0.91 -11.16
CA CYS A 31 -2.68 1.65 -10.99
C CYS A 31 -2.33 2.44 -12.26
N LYS A 32 -2.97 3.60 -12.41
CA LYS A 32 -2.75 4.45 -13.56
C LYS A 32 -3.63 5.70 -13.51
N ASP A 33 -4.81 5.55 -12.91
CA ASP A 33 -5.75 6.66 -12.80
C ASP A 33 -5.12 7.81 -12.00
N ASN A 34 -5.94 8.78 -11.63
CA ASN A 34 -5.47 9.94 -10.88
C ASN A 34 -4.67 9.50 -9.66
N LYS A 35 -5.00 8.32 -9.14
CA LYS A 35 -4.31 7.77 -7.97
C LYS A 35 -3.83 6.35 -8.23
N CYS A 36 -2.70 6.23 -8.93
CA CYS A 36 -2.15 4.93 -9.25
C CYS A 36 -1.93 4.10 -7.98
N TYR A 37 -0.83 4.37 -7.28
CA TYR A 37 -0.52 3.65 -6.06
C TYR A 37 -0.42 4.61 -4.87
N CYS A 38 -1.03 4.23 -3.75
CA CYS A 38 -1.02 5.05 -2.55
C CYS A 38 -0.69 4.22 -1.32
N CYS A 39 -0.23 4.88 -0.26
CA CYS A 39 0.13 4.20 0.97
C CYS A 39 -0.17 5.08 2.18
N ILE A 40 -0.93 4.54 3.13
CA ILE A 40 -1.28 5.27 4.34
C ILE A 40 -0.80 4.54 5.59
N GLY A 41 -0.13 5.27 6.48
CA GLY A 41 0.36 4.67 7.70
C GLY A 41 0.47 5.68 8.83
N GLY A 42 1.68 6.21 9.03
CA GLY A 42 1.88 7.18 10.09
C GLY A 42 2.56 8.44 9.59
N GLY A 43 3.88 8.41 9.50
CA GLY A 43 4.63 9.56 9.03
C GLY A 43 4.72 9.62 7.53
N THR A 44 4.01 8.72 6.85
CA THR A 44 4.02 8.68 5.40
C THR A 44 2.75 9.28 4.81
N ARG A 45 1.66 8.53 4.89
CA ARG A 45 0.37 9.00 4.38
C ARG A 45 0.56 9.79 3.09
N GLN A 46 0.97 9.10 2.02
CA GLN A 46 1.19 9.74 0.73
C GLN A 46 0.73 8.85 -0.41
N CYS A 47 0.63 9.43 -1.60
CA CYS A 47 0.19 8.68 -2.78
C CYS A 47 0.88 9.20 -4.03
N TYR A 48 1.21 8.28 -4.94
CA TYR A 48 1.88 8.64 -6.19
C TYR A 48 1.09 8.14 -7.39
N ALA A 49 0.88 9.03 -8.36
CA ALA A 49 0.14 8.69 -9.57
C ALA A 49 1.05 8.68 -10.79
N THR A 50 2.31 9.07 -10.58
CA THR A 50 3.28 9.12 -11.67
C THR A 50 3.68 7.71 -12.10
N LEU A 51 4.00 7.56 -13.38
CA LEU A 51 4.39 6.27 -13.93
C LEU A 51 5.62 5.73 -13.20
N ALA A 52 6.54 6.61 -12.83
CA ALA A 52 7.74 6.22 -12.12
C ALA A 52 7.40 5.44 -10.86
N GLU A 53 6.45 5.94 -10.09
CA GLU A 53 6.03 5.29 -8.86
C GLU A 53 5.06 4.16 -9.14
N CYS A 54 4.39 4.23 -10.29
CA CYS A 54 3.43 3.21 -10.67
C CYS A 54 4.13 2.03 -11.34
N ARG A 55 5.41 2.20 -11.64
CA ARG A 55 6.20 1.15 -12.28
C ARG A 55 7.34 0.70 -11.36
N HIS A 56 7.72 1.57 -10.43
CA HIS A 56 8.80 1.26 -9.50
C HIS A 56 8.25 0.90 -8.13
N ALA A 57 7.13 1.51 -7.76
CA ALA A 57 6.49 1.26 -6.47
C ALA A 57 4.99 1.04 -6.64
N CYS A 58 4.62 -0.08 -7.24
CA CYS A 58 3.21 -0.41 -7.46
C CYS A 58 3.06 -1.84 -7.95
N LEU A 59 4.01 -2.28 -8.77
CA LEU A 59 3.97 -3.64 -9.32
C LEU A 59 4.24 -4.67 -8.22
N PRO A 60 5.37 -4.50 -7.51
CA PRO A 60 5.76 -5.40 -6.43
C PRO A 60 4.85 -5.28 -5.21
N LEU A 61 4.40 -4.06 -4.94
CA LEU A 61 3.51 -3.80 -3.80
C LEU A 61 2.16 -4.50 -3.99
N ASN A 62 2.05 -5.71 -3.48
CA ASN A 62 0.82 -6.48 -3.59
C ASN A 62 0.78 -7.62 -2.58
N THR A 63 1.50 -7.44 -1.48
CA THR A 63 1.56 -8.45 -0.44
C THR A 63 0.17 -8.82 0.06
N ASN A 64 -0.02 -10.08 0.41
CA ASN A 64 -1.32 -10.55 0.91
C ASN A 64 -1.44 -10.33 2.42
N LEU A 1 -24.34 -5.10 -1.21
CA LEU A 1 -22.93 -5.42 -1.35
C LEU A 1 -22.30 -5.75 -0.01
N GLN A 2 -22.87 -6.73 0.69
CA GLN A 2 -22.36 -7.14 1.98
C GLN A 2 -20.87 -7.48 1.91
N ASP A 3 -20.04 -6.55 2.38
CA ASP A 3 -18.59 -6.74 2.36
C ASP A 3 -18.12 -7.38 3.66
N GLU A 4 -16.93 -7.97 3.63
CA GLU A 4 -16.36 -8.62 4.80
C GLU A 4 -16.17 -7.63 5.94
N VAL A 5 -17.12 -7.62 6.88
CA VAL A 5 -17.05 -6.71 8.02
C VAL A 5 -16.55 -5.33 7.59
N GLY A 6 -17.00 -4.89 6.42
CA GLY A 6 -16.59 -3.59 5.92
C GLY A 6 -15.44 -3.68 4.94
N ALA A 7 -14.21 -3.62 5.46
CA ALA A 7 -13.03 -3.70 4.62
C ALA A 7 -11.76 -3.67 5.47
N PRO A 8 -11.49 -4.79 6.15
CA PRO A 8 -10.30 -4.92 7.01
C PRO A 8 -9.00 -4.99 6.20
N PRO A 9 -7.87 -4.86 6.90
CA PRO A 9 -6.54 -4.89 6.27
C PRO A 9 -6.18 -6.28 5.76
N ALA A 10 -6.73 -6.64 4.61
CA ALA A 10 -6.47 -7.95 4.01
C ALA A 10 -5.00 -8.08 3.62
N LEU A 11 -4.37 -6.96 3.32
CA LEU A 11 -2.96 -6.95 2.93
C LEU A 11 -2.05 -6.89 4.16
N SER A 12 -2.27 -7.80 5.10
CA SER A 12 -1.48 -7.84 6.32
C SER A 12 -1.41 -9.26 6.87
N ALA A 13 -0.49 -10.05 6.33
CA ALA A 13 -0.31 -11.43 6.76
C ALA A 13 0.64 -11.51 7.95
N GLU A 14 1.92 -11.29 7.68
CA GLU A 14 2.95 -11.34 8.73
C GLU A 14 4.32 -11.03 8.17
N GLU A 15 4.38 -10.05 7.27
CA GLU A 15 5.65 -9.66 6.64
C GLU A 15 6.35 -8.59 7.48
N GLY A 16 5.57 -7.89 8.30
CA GLY A 16 6.14 -6.85 9.14
C GLY A 16 5.68 -5.45 8.73
N VAL A 17 4.70 -4.92 9.45
CA VAL A 17 4.17 -3.60 9.16
C VAL A 17 4.80 -2.54 10.07
N MET A 18 4.32 -1.31 9.94
CA MET A 18 4.84 -0.21 10.75
C MET A 18 6.32 0.04 10.46
N GLU A 19 6.62 0.38 9.21
CA GLU A 19 7.99 0.65 8.80
C GLU A 19 8.43 2.04 9.23
N THR A 20 7.92 3.07 8.53
CA THR A 20 8.26 4.44 8.83
C THR A 20 7.02 5.24 9.21
N ARG A 21 6.19 5.56 8.22
CA ARG A 21 4.98 6.32 8.45
C ARG A 21 4.01 5.55 9.36
N ALA A 22 3.37 4.53 8.80
CA ALA A 22 2.43 3.72 9.57
C ALA A 22 2.02 2.47 8.78
N GLU A 23 1.26 2.69 7.71
CA GLU A 23 0.80 1.58 6.88
C GLU A 23 0.80 1.98 5.40
N CYS A 24 0.81 0.99 4.52
CA CYS A 24 0.80 1.23 3.08
C CYS A 24 0.02 0.15 2.35
N ARG A 25 -0.63 0.54 1.26
CA ARG A 25 -1.42 -0.40 0.47
C ARG A 25 -0.79 -0.60 -0.91
N GLN A 26 -0.96 -1.81 -1.45
CA GLN A 26 -0.41 -2.13 -2.77
C GLN A 26 1.12 -2.13 -2.73
N GLY A 27 1.67 -2.13 -1.52
CA GLY A 27 3.12 -2.13 -1.38
C GLY A 27 3.72 -3.51 -1.57
N LEU A 28 2.89 -4.53 -1.42
CA LEU A 28 3.35 -5.91 -1.56
C LEU A 28 2.89 -6.50 -2.90
N LEU A 29 1.77 -5.99 -3.40
CA LEU A 29 1.23 -6.45 -4.68
C LEU A 29 2.03 -5.90 -5.85
N PRO A 30 1.84 -6.50 -7.03
CA PRO A 30 2.54 -6.08 -8.25
C PRO A 30 2.06 -4.74 -8.76
N CYS A 31 2.97 -3.78 -8.85
CA CYS A 31 2.65 -2.44 -9.32
C CYS A 31 1.85 -2.50 -10.62
N LYS A 32 0.83 -1.65 -10.72
CA LYS A 32 -0.01 -1.62 -11.92
C LYS A 32 -0.53 -0.20 -12.16
N ASP A 33 -1.49 -0.08 -13.08
CA ASP A 33 -2.08 1.21 -13.41
C ASP A 33 -3.22 1.55 -12.46
N ASN A 34 -3.54 2.84 -12.35
CA ASN A 34 -4.61 3.29 -11.48
C ASN A 34 -4.31 2.97 -10.02
N LYS A 35 -3.91 4.00 -9.26
CA LYS A 35 -3.58 3.82 -7.85
C LYS A 35 -2.60 2.67 -7.67
N CYS A 36 -1.46 2.76 -8.34
CA CYS A 36 -0.43 1.74 -8.24
C CYS A 36 -0.10 1.42 -6.78
N TYR A 37 0.73 2.25 -6.18
CA TYR A 37 1.13 2.05 -4.78
C TYR A 37 0.77 3.28 -3.94
N CYS A 38 0.21 3.03 -2.76
CA CYS A 38 -0.18 4.11 -1.86
C CYS A 38 0.29 3.83 -0.44
N CYS A 39 0.50 4.89 0.32
CA CYS A 39 0.95 4.77 1.71
C CYS A 39 0.28 5.80 2.60
N ILE A 40 -0.36 5.32 3.66
CA ILE A 40 -1.05 6.21 4.60
C ILE A 40 -0.50 6.04 6.01
N GLY A 41 -0.20 7.17 6.67
CA GLY A 41 0.32 7.12 8.02
C GLY A 41 -0.03 8.36 8.81
N GLY A 42 0.72 9.44 8.59
CA GLY A 42 0.46 10.68 9.29
C GLY A 42 0.88 11.90 8.50
N GLY A 43 2.19 12.10 8.38
CA GLY A 43 2.70 13.24 7.65
C GLY A 43 2.89 12.94 6.17
N THR A 44 2.35 11.82 5.73
CA THR A 44 2.45 11.42 4.33
C THR A 44 1.09 11.32 3.68
N ARG A 45 0.34 10.27 4.03
CA ARG A 45 -0.99 10.06 3.47
C ARG A 45 -1.04 10.46 2.00
N GLN A 46 -0.32 9.72 1.17
CA GLN A 46 -0.28 10.01 -0.27
C GLN A 46 -0.29 8.71 -1.07
N CYS A 47 -0.52 8.84 -2.38
CA CYS A 47 -0.54 7.69 -3.27
C CYS A 47 -0.04 8.06 -4.66
N TYR A 48 0.73 7.15 -5.27
CA TYR A 48 1.27 7.39 -6.60
C TYR A 48 0.89 6.26 -7.56
N ALA A 49 0.43 6.63 -8.75
CA ALA A 49 0.04 5.64 -9.75
C ALA A 49 0.88 5.79 -11.01
N THR A 50 1.81 6.73 -10.99
CA THR A 50 2.69 6.96 -12.14
C THR A 50 3.83 5.95 -12.17
N LEU A 51 4.22 5.55 -13.38
CA LEU A 51 5.29 4.58 -13.55
C LEU A 51 6.55 5.02 -12.80
N ALA A 52 6.80 6.32 -12.80
CA ALA A 52 7.96 6.87 -12.11
C ALA A 52 7.99 6.44 -10.64
N GLU A 53 6.85 6.57 -9.98
CA GLU A 53 6.74 6.19 -8.57
C GLU A 53 6.48 4.70 -8.43
N CYS A 54 5.94 4.09 -9.48
CA CYS A 54 5.64 2.66 -9.47
C CYS A 54 6.89 1.85 -9.78
N ARG A 55 7.94 2.52 -10.23
CA ARG A 55 9.19 1.86 -10.57
C ARG A 55 10.32 2.31 -9.64
N HIS A 56 10.19 3.53 -9.13
CA HIS A 56 11.20 4.09 -8.24
C HIS A 56 10.76 3.96 -6.78
N ALA A 57 9.45 4.07 -6.55
CA ALA A 57 8.91 3.97 -5.20
C ALA A 57 7.82 2.90 -5.12
N CYS A 58 8.20 1.66 -5.43
CA CYS A 58 7.26 0.55 -5.39
C CYS A 58 7.96 -0.75 -4.98
N LEU A 59 9.18 -0.95 -5.49
CA LEU A 59 9.95 -2.14 -5.18
C LEU A 59 10.44 -2.11 -3.73
N PRO A 60 11.11 -1.02 -3.36
CA PRO A 60 11.65 -0.83 -2.00
C PRO A 60 10.54 -0.62 -0.97
N LEU A 61 9.80 -1.67 -0.68
CA LEU A 61 8.71 -1.60 0.29
C LEU A 61 8.57 -2.92 1.06
N ASN A 62 8.24 -2.81 2.34
CA ASN A 62 8.09 -3.99 3.19
C ASN A 62 6.94 -3.79 4.17
N THR A 63 6.02 -2.88 3.84
CA THR A 63 4.89 -2.60 4.70
C THR A 63 3.61 -3.23 4.15
N ASN A 64 2.91 -3.97 5.00
CA ASN A 64 1.67 -4.63 4.59
C ASN A 64 0.47 -4.02 5.32
N LEU A 1 -6.56 -17.22 6.80
CA LEU A 1 -6.32 -18.47 7.52
C LEU A 1 -7.09 -18.49 8.84
N GLN A 2 -8.40 -18.25 8.76
CA GLN A 2 -9.25 -18.25 9.94
C GLN A 2 -8.75 -17.23 10.97
N ASP A 3 -8.81 -15.96 10.61
CA ASP A 3 -8.37 -14.89 11.50
C ASP A 3 -6.88 -15.04 11.82
N GLU A 4 -6.05 -14.30 11.10
CA GLU A 4 -4.61 -14.35 11.30
C GLU A 4 -4.20 -13.50 12.51
N VAL A 5 -5.04 -12.52 12.84
CA VAL A 5 -4.77 -11.64 13.97
C VAL A 5 -3.44 -10.91 13.80
N GLY A 6 -3.49 -9.72 13.21
CA GLY A 6 -2.29 -8.94 12.98
C GLY A 6 -2.58 -7.47 12.79
N ALA A 7 -3.43 -7.16 11.80
CA ALA A 7 -3.78 -5.78 11.51
C ALA A 7 -5.15 -5.70 10.83
N PRO A 8 -5.77 -4.51 10.89
CA PRO A 8 -7.08 -4.27 10.29
C PRO A 8 -7.04 -4.29 8.77
N PRO A 9 -8.23 -4.35 8.15
CA PRO A 9 -8.35 -4.38 6.68
C PRO A 9 -7.97 -3.05 6.04
N ALA A 10 -6.76 -3.00 5.48
CA ALA A 10 -6.27 -1.79 4.83
C ALA A 10 -6.23 -1.96 3.32
N LEU A 11 -6.01 -3.19 2.87
CA LEU A 11 -5.96 -3.49 1.44
C LEU A 11 -6.33 -4.94 1.16
N SER A 12 -7.04 -5.55 2.11
CA SER A 12 -7.46 -6.94 1.97
C SER A 12 -8.26 -7.39 3.19
N ALA A 13 -7.55 -7.63 4.30
CA ALA A 13 -8.20 -8.07 5.53
C ALA A 13 -7.18 -8.24 6.65
N GLU A 14 -6.42 -9.33 6.59
CA GLU A 14 -5.40 -9.61 7.60
C GLU A 14 -4.26 -10.43 7.01
N GLU A 15 -4.06 -10.30 5.70
CA GLU A 15 -2.99 -11.03 5.02
C GLU A 15 -1.62 -10.69 5.61
N GLY A 16 -1.55 -9.54 6.27
CA GLY A 16 -0.29 -9.12 6.88
C GLY A 16 0.12 -7.72 6.46
N VAL A 17 -0.27 -6.73 7.26
CA VAL A 17 0.06 -5.34 6.97
C VAL A 17 0.99 -4.77 8.03
N MET A 18 1.28 -3.48 7.92
CA MET A 18 2.16 -2.80 8.86
C MET A 18 3.57 -3.38 8.80
N GLU A 19 4.39 -2.81 7.91
CA GLU A 19 5.77 -3.27 7.75
C GLU A 19 6.75 -2.20 8.18
N THR A 20 6.90 -1.17 7.35
CA THR A 20 7.82 -0.07 7.64
C THR A 20 7.08 1.11 8.25
N ARG A 21 6.36 1.84 7.41
CA ARG A 21 5.60 3.01 7.85
C ARG A 21 4.38 2.57 8.67
N ALA A 22 3.35 2.07 7.99
CA ALA A 22 2.14 1.63 8.66
C ALA A 22 1.15 1.06 7.65
N GLU A 23 0.65 1.91 6.76
CA GLU A 23 -0.31 1.48 5.75
C GLU A 23 0.09 2.01 4.37
N CYS A 24 -0.15 1.19 3.35
CA CYS A 24 0.18 1.57 1.97
C CYS A 24 -0.91 1.11 1.01
N ARG A 25 -1.19 1.94 0.01
CA ARG A 25 -2.20 1.61 -0.99
C ARG A 25 -1.61 1.65 -2.40
N GLN A 26 -1.65 0.51 -3.08
CA GLN A 26 -1.12 0.42 -4.43
C GLN A 26 -1.68 -0.81 -5.16
N GLY A 27 -2.85 -1.26 -4.72
CA GLY A 27 -3.48 -2.40 -5.34
C GLY A 27 -4.98 -2.27 -5.43
N LEU A 28 -5.60 -1.84 -4.32
CA LEU A 28 -7.05 -1.66 -4.28
C LEU A 28 -7.53 -0.82 -5.45
N LEU A 29 -6.72 0.15 -5.85
CA LEU A 29 -7.06 1.03 -6.97
C LEU A 29 -6.13 0.81 -8.15
N PRO A 30 -6.58 1.23 -9.34
CA PRO A 30 -5.80 1.09 -10.58
C PRO A 30 -4.57 1.99 -10.59
N CYS A 31 -3.41 1.40 -10.36
CA CYS A 31 -2.15 2.15 -10.35
C CYS A 31 -1.87 2.75 -11.72
N LYS A 32 -2.28 3.99 -11.91
CA LYS A 32 -2.07 4.69 -13.17
C LYS A 32 -2.61 6.12 -13.12
N ASP A 33 -3.93 6.23 -13.05
CA ASP A 33 -4.58 7.54 -12.99
C ASP A 33 -4.14 8.31 -11.74
N ASN A 34 -4.82 9.41 -11.45
CA ASN A 34 -4.50 10.23 -10.30
C ASN A 34 -4.38 9.37 -9.04
N LYS A 35 -3.56 9.82 -8.10
CA LYS A 35 -3.36 9.10 -6.85
C LYS A 35 -3.04 7.63 -7.11
N CYS A 36 -2.09 7.39 -8.02
CA CYS A 36 -1.68 6.04 -8.36
C CYS A 36 -1.36 5.24 -7.11
N TYR A 37 -0.17 5.44 -6.57
CA TYR A 37 0.27 4.73 -5.37
C TYR A 37 0.57 5.71 -4.24
N CYS A 38 0.08 5.39 -3.04
CA CYS A 38 0.31 6.24 -1.88
C CYS A 38 0.62 5.40 -0.64
N CYS A 39 1.30 6.01 0.33
CA CYS A 39 1.66 5.31 1.56
C CYS A 39 1.49 6.23 2.77
N ILE A 40 0.61 5.84 3.68
CA ILE A 40 0.36 6.62 4.88
C ILE A 40 0.67 5.82 6.14
N GLY A 41 1.42 6.42 7.06
CA GLY A 41 1.77 5.75 8.30
C GLY A 41 2.20 6.71 9.37
N GLY A 42 2.99 7.71 8.99
CA GLY A 42 3.47 8.69 9.95
C GLY A 42 4.79 9.31 9.54
N GLY A 43 5.88 8.57 9.72
CA GLY A 43 7.19 9.07 9.37
C GLY A 43 7.30 9.40 7.90
N THR A 44 6.38 8.87 7.10
CA THR A 44 6.37 9.11 5.66
C THR A 44 5.17 9.93 5.24
N ARG A 45 4.00 9.29 5.20
CA ARG A 45 2.76 9.96 4.81
C ARG A 45 2.95 10.73 3.51
N GLN A 46 3.08 9.99 2.41
CA GLN A 46 3.25 10.61 1.09
C GLN A 46 2.47 9.85 0.03
N CYS A 47 2.32 10.48 -1.14
CA CYS A 47 1.59 9.86 -2.25
C CYS A 47 2.17 10.30 -3.59
N TYR A 48 2.20 9.38 -4.54
CA TYR A 48 2.73 9.67 -5.86
C TYR A 48 1.79 9.14 -6.95
N ALA A 49 1.44 10.02 -7.89
CA ALA A 49 0.56 9.64 -8.98
C ALA A 49 1.29 9.65 -10.31
N THR A 50 2.55 10.07 -10.28
CA THR A 50 3.37 10.12 -11.49
C THR A 50 3.75 8.72 -11.96
N LEU A 51 3.80 8.54 -13.28
CA LEU A 51 4.15 7.25 -13.85
C LEU A 51 5.47 6.74 -13.30
N ALA A 52 6.39 7.67 -13.07
CA ALA A 52 7.71 7.32 -12.52
C ALA A 52 7.57 6.53 -11.23
N GLU A 53 6.71 7.00 -10.33
CA GLU A 53 6.49 6.34 -9.05
C GLU A 53 5.51 5.19 -9.20
N CYS A 54 4.67 5.25 -10.23
CA CYS A 54 3.68 4.22 -10.48
C CYS A 54 4.30 3.03 -11.20
N ARG A 55 5.52 3.22 -11.71
CA ARG A 55 6.22 2.16 -12.42
C ARG A 55 7.47 1.74 -11.66
N HIS A 56 8.02 2.65 -10.86
CA HIS A 56 9.21 2.37 -10.07
C HIS A 56 8.85 2.01 -8.63
N ALA A 57 7.75 2.58 -8.15
CA ALA A 57 7.30 2.32 -6.78
C ALA A 57 5.81 1.99 -6.76
N CYS A 58 5.46 0.80 -7.24
CA CYS A 58 4.08 0.35 -7.28
C CYS A 58 3.98 -1.09 -7.75
N LEU A 59 4.77 -1.43 -8.77
CA LEU A 59 4.77 -2.79 -9.31
C LEU A 59 5.52 -3.75 -8.39
N PRO A 60 6.79 -3.40 -8.10
CA PRO A 60 7.64 -4.22 -7.23
C PRO A 60 7.19 -4.19 -5.78
N LEU A 61 6.95 -2.99 -5.26
CA LEU A 61 6.50 -2.81 -3.89
C LEU A 61 5.31 -3.70 -3.59
N ASN A 62 5.45 -4.59 -2.61
CA ASN A 62 4.38 -5.50 -2.22
C ASN A 62 4.83 -6.42 -1.09
N THR A 63 4.05 -6.44 -0.01
CA THR A 63 4.36 -7.27 1.14
C THR A 63 3.22 -8.23 1.45
N ASN A 64 2.00 -7.85 1.07
CA ASN A 64 0.82 -8.67 1.31
C ASN A 64 -0.43 -8.01 0.76
N LEU A 1 -14.26 1.24 15.58
CA LEU A 1 -14.83 -0.02 16.05
C LEU A 1 -15.47 -0.79 14.90
N GLN A 2 -14.77 -1.80 14.41
CA GLN A 2 -15.28 -2.62 13.31
C GLN A 2 -14.29 -3.73 12.96
N ASP A 3 -14.50 -4.91 13.54
CA ASP A 3 -13.63 -6.05 13.30
C ASP A 3 -13.53 -6.33 11.80
N GLU A 4 -12.50 -7.08 11.42
CA GLU A 4 -12.29 -7.42 10.01
C GLU A 4 -13.53 -8.10 9.42
N VAL A 5 -14.25 -7.37 8.59
CA VAL A 5 -15.46 -7.89 7.97
C VAL A 5 -15.62 -7.35 6.55
N GLY A 6 -15.64 -8.26 5.58
CA GLY A 6 -15.79 -7.86 4.18
C GLY A 6 -15.00 -8.74 3.25
N ALA A 7 -13.95 -8.18 2.66
CA ALA A 7 -13.10 -8.92 1.73
C ALA A 7 -11.96 -9.63 2.46
N PRO A 8 -11.38 -10.64 1.80
CA PRO A 8 -10.26 -11.41 2.38
C PRO A 8 -8.98 -10.61 2.47
N PRO A 9 -7.99 -11.13 3.20
CA PRO A 9 -6.70 -10.47 3.38
C PRO A 9 -5.88 -10.46 2.10
N ALA A 10 -6.20 -9.54 1.20
CA ALA A 10 -5.49 -9.42 -0.07
C ALA A 10 -4.26 -8.51 0.07
N LEU A 11 -4.39 -7.49 0.91
CA LEU A 11 -3.29 -6.55 1.13
C LEU A 11 -3.49 -5.78 2.44
N SER A 12 -3.84 -6.51 3.50
CA SER A 12 -4.05 -5.91 4.81
C SER A 12 -3.79 -6.91 5.92
N ALA A 13 -3.00 -7.93 5.61
CA ALA A 13 -2.67 -8.96 6.59
C ALA A 13 -1.75 -10.02 5.99
N GLU A 14 -0.45 -9.74 5.99
CA GLU A 14 0.53 -10.66 5.45
C GLU A 14 1.26 -11.41 6.57
N GLU A 15 1.71 -10.67 7.56
CA GLU A 15 2.42 -11.26 8.70
C GLU A 15 2.72 -10.22 9.76
N GLY A 16 1.83 -9.23 9.88
CA GLY A 16 2.02 -8.18 10.87
C GLY A 16 2.66 -6.94 10.28
N VAL A 17 2.22 -6.56 9.09
CA VAL A 17 2.77 -5.38 8.42
C VAL A 17 2.30 -4.09 9.10
N MET A 18 3.11 -3.05 8.97
CA MET A 18 2.78 -1.75 9.58
C MET A 18 3.86 -0.72 9.27
N GLU A 19 3.73 -0.05 8.13
CA GLU A 19 4.70 0.96 7.72
C GLU A 19 4.82 2.06 8.78
N THR A 20 3.80 2.91 8.85
CA THR A 20 3.80 4.01 9.82
C THR A 20 2.54 4.85 9.69
N ARG A 21 2.13 5.11 8.45
CA ARG A 21 0.94 5.90 8.18
C ARG A 21 -0.31 5.22 8.75
N ALA A 22 -0.76 4.17 8.07
CA ALA A 22 -1.94 3.43 8.51
C ALA A 22 -2.23 2.26 7.57
N GLU A 23 -2.64 2.57 6.34
CA GLU A 23 -2.94 1.54 5.36
C GLU A 23 -2.66 2.04 3.94
N CYS A 24 -2.04 1.18 3.13
CA CYS A 24 -1.70 1.53 1.76
C CYS A 24 -2.26 0.50 0.78
N ARG A 25 -2.50 0.93 -0.45
CA ARG A 25 -3.04 0.04 -1.48
C ARG A 25 -2.13 0.01 -2.70
N GLN A 26 -2.09 -1.13 -3.38
CA GLN A 26 -1.26 -1.28 -4.57
C GLN A 26 0.20 -0.94 -4.27
N GLY A 27 0.74 -1.60 -3.24
CA GLY A 27 2.12 -1.36 -2.86
C GLY A 27 2.87 -2.64 -2.53
N LEU A 28 2.38 -3.76 -3.06
CA LEU A 28 3.00 -5.05 -2.82
C LEU A 28 3.29 -5.77 -4.14
N LEU A 29 2.26 -6.36 -4.72
CA LEU A 29 2.40 -7.07 -5.98
C LEU A 29 2.12 -6.15 -7.17
N PRO A 30 0.90 -5.61 -7.22
CA PRO A 30 0.47 -4.71 -8.29
C PRO A 30 1.17 -3.36 -8.22
N CYS A 31 1.51 -2.80 -9.37
CA CYS A 31 2.19 -1.51 -9.44
C CYS A 31 2.45 -1.10 -10.88
N LYS A 32 1.47 -0.43 -11.49
CA LYS A 32 1.59 0.02 -12.86
C LYS A 32 0.34 0.77 -13.31
N ASP A 33 0.44 1.49 -14.42
CA ASP A 33 -0.68 2.25 -14.95
C ASP A 33 -1.10 3.34 -13.98
N ASN A 34 -2.19 4.04 -14.31
CA ASN A 34 -2.69 5.12 -13.46
C ASN A 34 -2.87 4.63 -12.03
N LYS A 35 -2.63 5.54 -11.08
CA LYS A 35 -2.77 5.22 -9.66
C LYS A 35 -1.97 3.96 -9.31
N CYS A 36 -0.69 3.95 -9.71
CA CYS A 36 0.17 2.81 -9.44
C CYS A 36 0.10 2.41 -7.97
N TYR A 37 0.78 3.15 -7.11
CA TYR A 37 0.80 2.87 -5.68
C TYR A 37 0.24 4.06 -4.90
N CYS A 38 -0.62 3.75 -3.92
CA CYS A 38 -1.23 4.78 -3.08
C CYS A 38 -1.18 4.39 -1.61
N CYS A 39 -1.11 5.39 -0.74
CA CYS A 39 -1.06 5.15 0.69
C CYS A 39 -1.95 6.14 1.45
N ILE A 40 -2.83 5.61 2.29
CA ILE A 40 -3.74 6.45 3.07
C ILE A 40 -3.47 6.31 4.57
N GLY A 41 -3.34 7.45 5.24
CA GLY A 41 -3.08 7.44 6.67
C GLY A 41 -3.46 8.75 7.34
N GLY A 42 -2.49 9.64 7.48
CA GLY A 42 -2.74 10.92 8.12
C GLY A 42 -1.79 12.00 7.62
N GLY A 43 -0.58 12.03 8.17
CA GLY A 43 0.40 13.02 7.77
C GLY A 43 0.86 12.83 6.34
N THR A 44 0.52 11.69 5.75
CA THR A 44 0.91 11.40 4.38
C THR A 44 -0.31 11.37 3.45
N ARG A 45 -1.08 10.29 3.53
CA ARG A 45 -2.27 10.15 2.71
C ARG A 45 -2.03 10.72 1.31
N GLN A 46 -1.24 10.01 0.50
CA GLN A 46 -0.95 10.45 -0.85
C GLN A 46 -0.89 9.27 -1.81
N CYS A 47 -0.91 9.57 -3.11
CA CYS A 47 -0.86 8.53 -4.13
C CYS A 47 0.04 8.95 -5.29
N TYR A 48 0.80 8.00 -5.81
CA TYR A 48 1.71 8.27 -6.93
C TYR A 48 1.56 7.21 -8.02
N ALA A 49 1.51 7.66 -9.27
CA ALA A 49 1.37 6.75 -10.40
C ALA A 49 2.61 6.81 -11.31
N THR A 50 3.55 7.68 -10.95
CA THR A 50 4.77 7.84 -11.73
C THR A 50 5.72 6.66 -11.51
N LEU A 51 6.39 6.25 -12.57
CA LEU A 51 7.33 5.14 -12.49
C LEU A 51 8.36 5.36 -11.38
N ALA A 52 8.76 6.62 -11.21
CA ALA A 52 9.74 6.97 -10.18
C ALA A 52 9.27 6.51 -8.80
N GLU A 53 8.01 6.78 -8.49
CA GLU A 53 7.44 6.37 -7.21
C GLU A 53 6.96 4.93 -7.25
N CYS A 54 6.69 4.43 -8.45
CA CYS A 54 6.22 3.06 -8.62
C CYS A 54 7.38 2.08 -8.53
N ARG A 55 8.60 2.58 -8.68
CA ARG A 55 9.80 1.75 -8.61
C ARG A 55 10.60 2.05 -7.36
N HIS A 56 10.55 3.31 -6.92
CA HIS A 56 11.28 3.72 -5.73
C HIS A 56 10.39 3.65 -4.49
N ALA A 57 9.09 3.85 -4.69
CA ALA A 57 8.14 3.79 -3.59
C ALA A 57 7.04 2.77 -3.87
N CYS A 58 7.41 1.49 -3.85
CA CYS A 58 6.46 0.41 -4.10
C CYS A 58 7.10 -0.95 -3.81
N LEU A 59 8.32 -1.14 -4.28
CA LEU A 59 9.03 -2.38 -4.07
C LEU A 59 9.59 -2.47 -2.66
N PRO A 60 10.39 -1.46 -2.28
CA PRO A 60 11.01 -1.39 -0.95
C PRO A 60 9.99 -1.11 0.15
N LEU A 61 8.76 -0.80 -0.26
CA LEU A 61 7.70 -0.51 0.70
C LEU A 61 7.52 -1.66 1.68
N ASN A 62 7.15 -2.82 1.17
CA ASN A 62 6.94 -4.00 2.01
C ASN A 62 6.82 -5.26 1.16
N THR A 63 7.47 -5.25 0.00
CA THR A 63 7.43 -6.39 -0.91
C THR A 63 8.81 -6.73 -1.43
N ASN A 64 8.97 -7.93 -1.97
CA ASN A 64 10.24 -8.37 -2.51
C ASN A 64 10.11 -9.74 -3.19
#